data_1BBP
#
_entry.id   1BBP
#
_cell.length_a   132.100
_cell.length_b   121.900
_cell.length_c   63.800
_cell.angle_alpha   90.00
_cell.angle_beta   90.00
_cell.angle_gamma   90.00
#
_symmetry.space_group_name_H-M   'P 21 21 2'
#
loop_
_entity.id
_entity.type
_entity.pdbx_description
1 polymer 'BILIN BINDING PROTEIN'
2 non-polymer 'BILIVERDIN IX GAMMA CHROMOPHORE'
3 water water
#
_entity_poly.entity_id   1
_entity_poly.type   'polypeptide(L)'
_entity_poly.pdbx_seq_one_letter_code
;NVYHDGACPEVKPVDNFDWSNYHGKWWEVAKYPNSVEKYGKCGWAEYTPEGKSVKVSNYHVIHGKEYFIEGTAYPVGDSK
IGKIYHKLTYGGVTKENVFNVLSTDNKNYIIGYYCKYDEDKKGHQDFVWVLSRSKVLTGEAKTAVENYLIGSPVVDSQKL
VYSDFSEAACKVN
;
_entity_poly.pdbx_strand_id   A,B,C,D
#
loop_
_chem_comp.id
_chem_comp.type
_chem_comp.name
_chem_comp.formula
BLV non-polymer 'BILIVERDIN IX GAMMA CHROMOPHORE' 'C33 H34 N4 O6'
#
# COMPACT_ATOMS: atom_id res chain seq x y z
N ASN A 1 -10.19 12.45 2.58
CA ASN A 1 -9.48 13.67 3.00
C ASN A 1 -8.05 13.23 3.22
N VAL A 2 -7.12 14.05 2.76
CA VAL A 2 -5.68 13.72 2.74
C VAL A 2 -4.91 14.63 3.68
N TYR A 3 -4.52 14.07 4.84
CA TYR A 3 -3.86 14.81 5.94
C TYR A 3 -2.37 14.53 5.98
N HIS A 4 -1.60 15.49 6.41
CA HIS A 4 -0.17 15.22 6.70
C HIS A 4 0.28 15.98 7.94
N ASP A 5 1.40 15.53 8.47
CA ASP A 5 2.07 16.27 9.53
C ASP A 5 2.83 17.45 8.91
N GLY A 6 2.86 18.53 9.66
CA GLY A 6 3.79 19.61 9.33
C GLY A 6 3.13 20.77 8.61
N ALA A 7 3.95 21.68 8.21
CA ALA A 7 3.46 22.85 7.52
C ALA A 7 3.14 22.48 6.07
N CYS A 8 2.40 23.40 5.45
CA CYS A 8 2.16 23.35 4.01
C CYS A 8 3.50 23.43 3.26
N PRO A 9 3.63 22.55 2.30
CA PRO A 9 4.84 22.49 1.47
C PRO A 9 5.02 23.77 0.68
N GLU A 10 6.26 24.05 0.39
CA GLU A 10 6.58 25.13 -0.54
C GLU A 10 6.41 24.67 -1.98
N VAL A 11 5.43 25.26 -2.61
CA VAL A 11 4.96 24.85 -3.92
C VAL A 11 5.29 25.96 -4.92
N LYS A 12 5.61 25.59 -6.16
CA LYS A 12 5.94 26.60 -7.21
C LYS A 12 4.79 26.67 -8.24
N PRO A 13 4.11 27.80 -8.31
CA PRO A 13 3.00 27.89 -9.27
C PRO A 13 3.54 28.28 -10.65
N VAL A 14 2.71 28.12 -11.66
CA VAL A 14 3.10 28.57 -12.99
C VAL A 14 3.35 30.08 -12.97
N ASP A 15 4.38 30.46 -13.73
CA ASP A 15 4.91 31.84 -13.84
C ASP A 15 4.24 32.54 -15.01
N ASN A 16 3.44 31.80 -15.73
CA ASN A 16 2.86 32.29 -16.99
C ASN A 16 1.34 32.13 -17.07
N PHE A 17 0.67 32.31 -15.95
CA PHE A 17 -0.80 32.19 -15.92
C PHE A 17 -1.47 33.23 -16.82
N ASP A 18 -2.35 32.75 -17.71
CA ASP A 18 -3.13 33.63 -18.61
C ASP A 18 -4.51 33.87 -18.05
N TRP A 19 -4.66 35.00 -17.40
CA TRP A 19 -5.88 35.38 -16.69
C TRP A 19 -7.05 35.52 -17.66
N SER A 20 -6.72 35.77 -18.92
CA SER A 20 -7.77 35.83 -19.95
C SER A 20 -8.54 34.52 -20.00
N ASN A 21 -7.78 33.44 -19.89
CA ASN A 21 -8.43 32.15 -20.15
C ASN A 21 -9.23 31.69 -18.94
N TYR A 22 -9.10 32.40 -17.85
CA TYR A 22 -9.81 31.96 -16.64
C TYR A 22 -11.29 32.37 -16.70
N HIS A 23 -12.06 31.66 -17.50
CA HIS A 23 -13.50 31.94 -17.56
C HIS A 23 -14.24 30.71 -18.07
N GLY A 24 -15.54 30.72 -17.88
CA GLY A 24 -16.34 29.64 -18.43
C GLY A 24 -16.49 28.49 -17.44
N LYS A 25 -16.90 27.37 -18.01
CA LYS A 25 -17.24 26.14 -17.28
C LYS A 25 -16.07 25.18 -17.29
N TRP A 26 -15.58 24.91 -16.10
CA TRP A 26 -14.51 23.93 -15.94
C TRP A 26 -15.10 22.73 -15.21
N TRP A 27 -14.95 21.56 -15.81
CA TRP A 27 -15.45 20.32 -15.17
C TRP A 27 -14.42 19.83 -14.17
N GLU A 28 -14.85 19.35 -13.00
CA GLU A 28 -13.80 18.82 -12.14
C GLU A 28 -13.58 17.35 -12.40
N VAL A 29 -12.59 17.12 -13.21
CA VAL A 29 -12.31 15.79 -13.73
C VAL A 29 -11.78 14.88 -12.63
N ALA A 30 -10.93 15.43 -11.78
CA ALA A 30 -10.46 14.71 -10.58
C ALA A 30 -10.31 15.67 -9.42
N LYS A 31 -10.18 15.06 -8.24
CA LYS A 31 -9.81 15.76 -7.00
C LYS A 31 -9.25 14.81 -5.96
N TYR A 32 -8.59 15.40 -4.96
CA TYR A 32 -8.48 14.68 -3.68
C TYR A 32 -9.83 14.82 -2.99
N PRO A 33 -10.32 13.75 -2.43
CA PRO A 33 -11.57 13.84 -1.66
C PRO A 33 -11.49 14.81 -0.48
N ASN A 34 -12.62 15.41 -0.19
CA ASN A 34 -12.73 16.38 0.91
C ASN A 34 -14.13 16.26 1.50
N SER A 35 -14.28 16.74 2.72
CA SER A 35 -15.56 16.62 3.42
C SER A 35 -16.65 17.47 2.79
N VAL A 36 -16.30 18.60 2.19
CA VAL A 36 -17.38 19.46 1.70
C VAL A 36 -18.04 18.86 0.45
N GLU A 37 -17.24 18.12 -0.32
CA GLU A 37 -17.70 17.61 -1.60
C GLU A 37 -18.13 16.15 -1.51
N LYS A 38 -18.19 15.70 -0.30
CA LYS A 38 -18.66 14.37 0.13
C LYS A 38 -19.92 14.01 -0.66
N TYR A 39 -19.87 12.86 -1.31
CA TYR A 39 -21.00 12.21 -2.03
C TYR A 39 -21.34 12.88 -3.37
N GLY A 40 -20.65 13.99 -3.65
CA GLY A 40 -21.05 14.78 -4.81
C GLY A 40 -20.60 14.11 -6.12
N LYS A 41 -21.43 14.28 -7.14
CA LYS A 41 -21.10 13.81 -8.50
C LYS A 41 -21.21 14.93 -9.52
N CYS A 42 -20.69 14.69 -10.71
CA CYS A 42 -20.77 15.64 -11.84
C CYS A 42 -20.37 17.08 -11.47
N GLY A 43 -19.19 17.25 -10.91
CA GLY A 43 -18.88 18.58 -10.34
C GLY A 43 -18.35 19.54 -11.40
N TRP A 44 -18.64 20.81 -11.23
CA TRP A 44 -18.02 21.85 -12.08
C TRP A 44 -17.89 23.20 -11.39
N ALA A 45 -17.06 24.00 -11.96
CA ALA A 45 -16.84 25.38 -11.54
C ALA A 45 -17.24 26.32 -12.69
N GLU A 46 -17.83 27.43 -12.34
CA GLU A 46 -18.22 28.37 -13.37
C GLU A 46 -17.66 29.76 -13.08
N TYR A 47 -16.76 30.23 -13.95
CA TYR A 47 -16.03 31.49 -13.73
C TYR A 47 -16.53 32.57 -14.70
N THR A 48 -16.97 33.68 -14.14
CA THR A 48 -17.56 34.83 -14.88
C THR A 48 -16.77 36.09 -14.59
N PRO A 49 -16.06 36.56 -15.59
CA PRO A 49 -14.97 37.54 -15.37
C PRO A 49 -15.49 38.94 -15.10
N GLU A 50 -14.73 39.68 -14.29
CA GLU A 50 -14.95 41.13 -14.06
C GLU A 50 -13.61 41.82 -13.89
N GLY A 51 -12.93 41.99 -14.98
CA GLY A 51 -11.61 42.60 -14.91
C GLY A 51 -10.60 41.55 -14.47
N LYS A 52 -9.71 41.95 -13.59
CA LYS A 52 -8.77 41.05 -12.92
C LYS A 52 -9.46 40.43 -11.71
N SER A 53 -10.70 40.08 -11.90
CA SER A 53 -11.37 39.24 -10.91
C SER A 53 -12.32 38.32 -11.65
N VAL A 54 -12.82 37.33 -10.94
CA VAL A 54 -13.85 36.42 -11.43
C VAL A 54 -14.85 36.14 -10.31
N LYS A 55 -16.11 36.07 -10.68
CA LYS A 55 -17.18 35.55 -9.82
C LYS A 55 -17.14 34.03 -9.88
N VAL A 56 -17.21 33.38 -8.75
CA VAL A 56 -17.05 31.92 -8.70
C VAL A 56 -18.38 31.27 -8.34
N SER A 57 -18.69 30.24 -9.06
CA SER A 57 -19.68 29.34 -8.49
C SER A 57 -19.37 27.88 -8.78
N ASN A 58 -19.34 27.09 -7.71
CA ASN A 58 -18.93 25.67 -7.76
C ASN A 58 -20.14 24.80 -7.51
N TYR A 59 -20.42 23.88 -8.40
CA TYR A 59 -21.62 23.02 -8.30
C TYR A 59 -21.23 21.56 -8.30
N HIS A 60 -22.18 20.78 -7.80
CA HIS A 60 -22.23 19.31 -7.94
C HIS A 60 -23.63 18.77 -7.71
N VAL A 61 -23.83 17.57 -8.17
CA VAL A 61 -25.15 16.93 -8.04
C VAL A 61 -25.08 15.74 -7.06
N ILE A 62 -26.03 15.76 -6.15
CA ILE A 62 -26.28 14.57 -5.33
C ILE A 62 -27.73 14.14 -5.48
N HIS A 63 -27.92 12.90 -5.94
CA HIS A 63 -29.25 12.28 -6.14
C HIS A 63 -30.30 13.24 -6.65
N GLY A 64 -30.01 13.90 -7.76
CA GLY A 64 -31.03 14.66 -8.48
C GLY A 64 -31.08 16.11 -8.03
N LYS A 65 -30.22 16.42 -7.11
CA LYS A 65 -30.30 17.74 -6.50
C LYS A 65 -28.97 18.44 -6.65
N GLU A 66 -29.04 19.72 -6.91
CA GLU A 66 -27.88 20.56 -7.15
C GLU A 66 -27.54 21.35 -5.88
N TYR A 67 -26.26 21.37 -5.60
CA TYR A 67 -25.64 22.07 -4.46
C TYR A 67 -24.54 22.97 -5.01
N PHE A 68 -24.37 24.13 -4.41
CA PHE A 68 -23.31 25.01 -4.87
C PHE A 68 -22.80 25.93 -3.78
N ILE A 69 -21.69 26.57 -4.06
CA ILE A 69 -21.18 27.73 -3.29
C ILE A 69 -20.88 28.86 -4.29
N GLU A 70 -21.01 30.10 -3.87
CA GLU A 70 -20.56 31.24 -4.67
C GLU A 70 -19.49 31.99 -3.90
N GLY A 71 -18.60 32.63 -4.61
CA GLY A 71 -17.56 33.47 -4.00
C GLY A 71 -16.87 34.24 -5.11
N THR A 72 -15.65 34.69 -4.90
CA THR A 72 -14.97 35.48 -5.93
C THR A 72 -13.50 35.10 -5.93
N ALA A 73 -12.81 35.36 -7.02
CA ALA A 73 -11.42 34.97 -7.19
C ALA A 73 -10.62 36.03 -7.95
N TYR A 74 -9.45 36.38 -7.47
CA TYR A 74 -8.57 37.39 -8.03
C TYR A 74 -7.15 37.02 -7.66
N PRO A 75 -6.19 37.47 -8.45
CA PRO A 75 -4.78 37.08 -8.25
C PRO A 75 -4.23 37.58 -6.93
N VAL A 76 -3.30 36.86 -6.31
CA VAL A 76 -2.73 37.33 -5.03
C VAL A 76 -1.85 38.55 -5.29
N GLY A 77 -1.11 38.48 -6.38
CA GLY A 77 -0.25 39.58 -6.84
C GLY A 77 -0.38 39.75 -8.34
N ASP A 78 0.65 39.34 -9.05
CA ASP A 78 0.72 39.48 -10.51
C ASP A 78 -0.14 38.39 -11.14
N SER A 79 -0.96 38.73 -12.11
CA SER A 79 -1.84 37.77 -12.80
C SER A 79 -1.10 36.59 -13.41
N LYS A 80 0.16 36.77 -13.72
CA LYS A 80 0.91 35.71 -14.40
C LYS A 80 1.41 34.65 -13.42
N ILE A 81 1.49 35.01 -12.15
CA ILE A 81 1.88 34.03 -11.11
C ILE A 81 0.57 33.31 -10.73
N GLY A 82 0.60 32.00 -10.99
CA GLY A 82 -0.54 31.07 -10.80
C GLY A 82 -0.94 30.95 -9.33
N LYS A 83 -1.00 32.07 -8.63
CA LYS A 83 -1.56 32.07 -7.30
C LYS A 83 -2.68 33.04 -7.02
N ILE A 84 -3.83 32.42 -6.86
CA ILE A 84 -5.13 33.10 -6.95
C ILE A 84 -5.89 32.94 -5.64
N TYR A 85 -6.36 34.05 -5.08
CA TYR A 85 -7.26 33.98 -3.91
C TYR A 85 -8.64 33.58 -4.38
N HIS A 86 -9.24 32.64 -3.68
CA HIS A 86 -10.65 32.30 -3.84
C HIS A 86 -11.33 32.57 -2.51
N LYS A 87 -12.11 33.64 -2.52
CA LYS A 87 -12.72 34.19 -1.31
C LYS A 87 -14.11 33.60 -1.06
N LEU A 88 -14.15 32.66 -0.14
CA LEU A 88 -15.37 31.85 0.12
C LEU A 88 -15.68 31.96 1.60
N THR A 89 -16.90 31.65 1.94
CA THR A 89 -17.25 31.63 3.35
C THR A 89 -17.56 30.21 3.75
N TYR A 90 -16.81 29.72 4.71
CA TYR A 90 -17.19 28.45 5.34
C TYR A 90 -17.40 28.63 6.83
N GLY A 91 -18.55 28.18 7.27
CA GLY A 91 -18.91 28.21 8.68
C GLY A 91 -19.06 29.65 9.16
N GLY A 92 -19.38 30.52 8.23
CA GLY A 92 -19.55 31.92 8.61
C GLY A 92 -18.20 32.55 8.86
N VAL A 93 -17.20 31.86 8.42
CA VAL A 93 -15.92 32.56 8.33
C VAL A 93 -15.53 32.70 6.86
N THR A 94 -15.24 33.93 6.47
CA THR A 94 -14.84 34.24 5.09
C THR A 94 -13.35 34.43 5.02
N LYS A 95 -12.72 33.63 4.22
CA LYS A 95 -11.29 33.71 4.13
C LYS A 95 -10.85 33.76 2.62
N GLU A 96 -9.67 34.29 2.41
CA GLU A 96 -9.04 34.33 1.09
C GLU A 96 -8.13 33.12 1.04
N ASN A 97 -8.58 32.16 0.30
CA ASN A 97 -7.91 30.88 0.18
C ASN A 97 -7.04 30.87 -1.07
N VAL A 98 -5.76 30.59 -0.88
CA VAL A 98 -4.78 30.58 -1.99
C VAL A 98 -4.87 29.25 -2.72
N PHE A 99 -5.33 29.39 -3.95
CA PHE A 99 -5.29 28.32 -4.93
C PHE A 99 -4.03 28.51 -5.77
N ASN A 100 -3.24 27.45 -5.88
CA ASN A 100 -2.01 27.51 -6.68
C ASN A 100 -2.23 26.68 -7.92
N VAL A 101 -1.99 27.30 -9.06
CA VAL A 101 -2.01 26.62 -10.37
C VAL A 101 -0.67 25.94 -10.62
N LEU A 102 -0.64 24.65 -10.35
CA LEU A 102 0.62 23.92 -10.45
C LEU A 102 0.93 23.66 -11.92
N SER A 103 -0.11 23.40 -12.67
CA SER A 103 0.15 23.08 -14.07
C SER A 103 -1.07 23.46 -14.89
N THR A 104 -0.79 23.98 -16.07
CA THR A 104 -1.88 24.44 -16.94
C THR A 104 -1.37 24.61 -18.35
N ASP A 105 -2.25 24.58 -19.30
CA ASP A 105 -1.84 24.86 -20.69
C ASP A 105 -2.43 26.17 -21.19
N ASN A 106 -3.08 26.87 -20.27
CA ASN A 106 -3.87 28.10 -20.51
C ASN A 106 -4.93 27.90 -21.58
N LYS A 107 -5.43 26.70 -21.69
CA LYS A 107 -6.36 26.40 -22.78
C LYS A 107 -7.38 25.36 -22.31
N ASN A 108 -6.91 24.18 -22.01
CA ASN A 108 -7.78 23.02 -21.77
C ASN A 108 -7.87 22.61 -20.29
N TYR A 109 -6.73 22.60 -19.61
CA TYR A 109 -6.74 22.10 -18.22
C TYR A 109 -6.03 23.03 -17.22
N ILE A 110 -6.38 22.80 -15.96
CA ILE A 110 -5.82 23.46 -14.67
C ILE A 110 -5.58 22.27 -13.73
N ILE A 111 -4.40 22.21 -13.16
CA ILE A 111 -4.23 21.38 -11.96
C ILE A 111 -3.86 22.30 -10.79
N GLY A 112 -4.73 22.39 -9.82
CA GLY A 112 -4.49 23.38 -8.76
C GLY A 112 -4.54 22.75 -7.38
N TYR A 113 -3.90 23.42 -6.45
CA TYR A 113 -3.68 22.95 -5.08
C TYR A 113 -4.01 24.05 -4.06
N TYR A 114 -4.69 23.64 -3.00
CA TYR A 114 -4.91 24.44 -1.78
C TYR A 114 -4.54 23.63 -0.54
N CYS A 115 -3.85 24.26 0.38
CA CYS A 115 -3.46 23.61 1.65
C CYS A 115 -4.09 24.30 2.87
N LYS A 116 -4.84 23.54 3.62
CA LYS A 116 -5.44 24.02 4.85
C LYS A 116 -4.54 23.62 6.00
N TYR A 117 -3.99 24.60 6.67
CA TYR A 117 -3.08 24.34 7.78
C TYR A 117 -3.77 24.45 9.13
N ASP A 118 -3.48 23.51 10.03
CA ASP A 118 -3.99 23.53 11.43
C ASP A 118 -2.88 23.96 12.38
N GLU A 119 -3.01 25.14 12.96
CA GLU A 119 -1.97 25.66 13.86
C GLU A 119 -1.85 24.90 15.17
N ASP A 120 -3.00 24.54 15.67
CA ASP A 120 -3.13 23.87 16.96
C ASP A 120 -2.54 22.45 16.97
N LYS A 121 -2.70 21.75 15.85
CA LYS A 121 -2.27 20.36 15.74
C LYS A 121 -0.99 20.22 14.94
N LYS A 122 -0.60 21.35 14.39
CA LYS A 122 0.60 21.41 13.55
C LYS A 122 0.62 20.42 12.39
N GLY A 123 -0.51 20.38 11.68
CA GLY A 123 -0.60 19.54 10.47
C GLY A 123 -1.28 20.29 9.33
N HIS A 124 -1.48 19.62 8.25
CA HIS A 124 -2.27 20.20 7.17
C HIS A 124 -3.03 19.18 6.32
N GLN A 125 -4.10 19.67 5.67
CA GLN A 125 -4.85 18.92 4.66
C GLN A 125 -4.62 19.47 3.26
N ASP A 126 -4.37 18.55 2.35
CA ASP A 126 -4.15 18.88 0.93
C ASP A 126 -5.44 18.73 0.15
N PHE A 127 -5.70 19.75 -0.65
CA PHE A 127 -6.82 19.76 -1.59
C PHE A 127 -6.28 19.99 -2.99
N VAL A 128 -6.56 19.07 -3.88
CA VAL A 128 -6.15 19.14 -5.28
C VAL A 128 -7.35 18.92 -6.19
N TRP A 129 -7.39 19.65 -7.31
CA TRP A 129 -8.45 19.55 -8.33
C TRP A 129 -7.75 19.51 -9.69
N VAL A 130 -8.25 18.65 -10.56
CA VAL A 130 -7.93 18.69 -12.00
C VAL A 130 -9.17 19.16 -12.75
N LEU A 131 -9.10 20.38 -13.22
CA LEU A 131 -10.22 21.07 -13.85
C LEU A 131 -9.94 21.12 -15.34
N SER A 132 -10.95 20.83 -16.12
CA SER A 132 -10.76 20.77 -17.56
C SER A 132 -11.95 21.40 -18.28
N ARG A 133 -11.74 21.88 -19.47
CA ARG A 133 -12.91 22.38 -20.20
C ARG A 133 -13.69 21.21 -20.81
N SER A 134 -13.11 20.04 -20.71
CA SER A 134 -13.78 18.84 -21.19
C SER A 134 -14.01 17.83 -20.07
N LYS A 135 -15.14 17.14 -20.11
CA LYS A 135 -15.50 16.11 -19.09
C LYS A 135 -14.45 15.00 -19.12
N VAL A 136 -13.86 14.82 -20.29
CA VAL A 136 -12.81 13.81 -20.52
C VAL A 136 -11.54 14.42 -21.07
N LEU A 137 -10.43 14.10 -20.45
CA LEU A 137 -9.12 14.46 -20.96
C LEU A 137 -8.81 13.66 -22.22
N THR A 138 -8.40 14.41 -23.22
CA THR A 138 -7.99 13.84 -24.51
C THR A 138 -6.71 14.51 -24.99
N GLY A 139 -6.04 13.77 -25.84
CA GLY A 139 -4.86 14.21 -26.57
C GLY A 139 -3.80 14.88 -25.70
N GLU A 140 -3.42 16.05 -26.17
CA GLU A 140 -2.36 16.88 -25.59
C GLU A 140 -2.67 17.26 -24.14
N ALA A 141 -3.93 17.48 -23.85
CA ALA A 141 -4.26 17.90 -22.50
C ALA A 141 -3.99 16.72 -21.58
N LYS A 142 -4.47 15.57 -22.01
CA LYS A 142 -4.25 14.32 -21.25
C LYS A 142 -2.76 13.99 -21.15
N THR A 143 -2.06 14.32 -22.20
CA THR A 143 -0.60 14.06 -22.21
C THR A 143 0.13 14.98 -21.24
N ALA A 144 -0.37 16.18 -21.18
CA ALA A 144 0.24 17.19 -20.31
C ALA A 144 0.03 16.84 -18.84
N VAL A 145 -1.20 16.44 -18.55
CA VAL A 145 -1.60 16.06 -17.20
C VAL A 145 -0.80 14.84 -16.69
N GLU A 146 -0.71 13.82 -17.53
CA GLU A 146 0.08 12.64 -17.18
C GLU A 146 1.54 13.02 -16.87
N ASN A 147 2.16 13.78 -17.75
CA ASN A 147 3.59 14.08 -17.47
C ASN A 147 3.78 14.93 -16.23
N TYR A 148 2.75 15.71 -15.91
CA TYR A 148 2.87 16.54 -14.70
C TYR A 148 2.79 15.57 -13.52
N LEU A 149 1.82 14.73 -13.61
CA LEU A 149 1.48 13.86 -12.49
C LEU A 149 2.67 12.95 -12.22
N ILE A 150 3.36 12.55 -13.27
CA ILE A 150 4.50 11.66 -13.03
C ILE A 150 5.72 12.35 -12.41
N GLY A 151 5.83 13.65 -12.58
CA GLY A 151 6.98 14.32 -11.94
C GLY A 151 6.60 15.05 -10.66
N SER A 152 5.30 15.25 -10.46
CA SER A 152 4.81 16.16 -9.41
C SER A 152 5.36 15.83 -8.02
N PRO A 153 5.97 16.82 -7.44
CA PRO A 153 6.44 16.68 -6.06
C PRO A 153 5.32 16.87 -5.05
N VAL A 154 4.16 17.32 -5.46
CA VAL A 154 3.09 17.66 -4.50
C VAL A 154 1.89 16.74 -4.64
N VAL A 155 1.53 16.43 -5.85
CA VAL A 155 0.28 15.68 -6.12
C VAL A 155 0.54 14.19 -6.24
N ASP A 156 -0.25 13.43 -5.48
CA ASP A 156 -0.27 11.99 -5.57
C ASP A 156 -1.41 11.55 -6.47
N SER A 157 -0.99 11.06 -7.64
CA SER A 157 -1.87 10.59 -8.72
C SER A 157 -2.81 9.48 -8.25
N GLN A 158 -2.35 8.68 -7.30
CA GLN A 158 -3.15 7.56 -6.74
C GLN A 158 -4.32 8.05 -5.92
N LYS A 159 -4.09 9.14 -5.21
CA LYS A 159 -5.11 9.67 -4.31
C LYS A 159 -6.24 10.41 -5.05
N LEU A 160 -6.05 10.65 -6.35
CA LEU A 160 -7.03 11.38 -7.18
C LEU A 160 -8.29 10.55 -7.37
N VAL A 161 -9.42 11.14 -7.11
CA VAL A 161 -10.72 10.52 -7.45
C VAL A 161 -11.42 11.23 -8.61
N TYR A 162 -11.75 10.44 -9.61
CA TYR A 162 -12.26 10.99 -10.85
C TYR A 162 -13.78 11.03 -10.86
N SER A 163 -14.30 12.21 -11.18
CA SER A 163 -15.73 12.49 -11.13
C SER A 163 -16.54 11.70 -12.16
N ASP A 164 -17.75 11.36 -11.78
CA ASP A 164 -18.71 10.68 -12.64
C ASP A 164 -19.52 11.72 -13.42
N PHE A 165 -19.45 11.64 -14.70
CA PHE A 165 -20.25 12.58 -15.51
C PHE A 165 -21.33 11.88 -16.32
N SER A 166 -21.83 10.77 -15.80
CA SER A 166 -22.96 10.00 -16.38
C SER A 166 -24.16 10.91 -16.45
N GLU A 167 -25.05 10.61 -17.36
CA GLU A 167 -26.24 11.45 -17.47
C GLU A 167 -27.11 11.27 -16.25
N ALA A 168 -26.94 10.07 -15.72
CA ALA A 168 -27.54 9.65 -14.46
C ALA A 168 -26.95 10.45 -13.31
N ALA A 169 -25.64 10.59 -13.31
CA ALA A 169 -24.97 11.33 -12.24
C ALA A 169 -25.28 12.82 -12.39
N CYS A 170 -25.42 13.25 -13.62
CA CYS A 170 -25.52 14.69 -13.87
C CYS A 170 -26.94 15.21 -13.81
N LYS A 171 -27.89 14.29 -13.72
CA LYS A 171 -29.32 14.68 -13.65
C LYS A 171 -29.81 15.46 -12.43
N VAL A 172 -30.39 16.61 -12.72
CA VAL A 172 -31.04 17.47 -11.71
C VAL A 172 -32.56 17.48 -11.92
N ASN A 173 -33.27 16.97 -10.94
CA ASN A 173 -34.74 16.94 -11.03
C ASN A 173 -35.42 17.48 -9.78
N ASN B 1 9.35 -11.32 -4.74
CA ASN B 1 8.73 -12.47 -5.38
C ASN B 1 7.67 -12.99 -4.45
N VAL B 2 6.55 -13.36 -5.03
CA VAL B 2 5.37 -13.74 -4.27
C VAL B 2 5.15 -15.25 -4.27
N TYR B 3 5.51 -15.93 -3.21
CA TYR B 3 5.34 -17.38 -3.18
C TYR B 3 4.16 -17.73 -2.32
N HIS B 4 3.48 -18.79 -2.75
CA HIS B 4 2.39 -19.38 -1.97
C HIS B 4 2.46 -20.89 -1.96
N ASP B 5 1.89 -21.49 -0.93
CA ASP B 5 1.92 -22.95 -0.90
C ASP B 5 0.80 -23.51 -1.77
N GLY B 6 1.04 -24.62 -2.40
CA GLY B 6 -0.06 -25.26 -3.12
C GLY B 6 -0.04 -24.99 -4.62
N ALA B 7 -1.06 -25.49 -5.28
CA ALA B 7 -1.10 -25.40 -6.74
C ALA B 7 -1.59 -24.02 -7.16
N CYS B 8 -1.45 -23.76 -8.44
CA CYS B 8 -1.98 -22.51 -9.00
C CYS B 8 -3.48 -22.44 -8.85
N PRO B 9 -3.99 -21.28 -8.46
CA PRO B 9 -5.42 -21.10 -8.23
C PRO B 9 -6.17 -21.07 -9.57
N GLU B 10 -7.43 -21.44 -9.53
CA GLU B 10 -8.18 -21.36 -10.77
C GLU B 10 -8.71 -19.96 -10.95
N VAL B 11 -8.17 -19.32 -11.95
CA VAL B 11 -8.58 -17.93 -12.18
C VAL B 11 -9.64 -17.87 -13.27
N LYS B 12 -10.43 -16.82 -13.21
CA LYS B 12 -11.49 -16.63 -14.20
C LYS B 12 -11.11 -15.47 -15.13
N PRO B 13 -10.63 -15.81 -16.31
CA PRO B 13 -10.25 -14.77 -17.29
C PRO B 13 -11.45 -14.01 -17.87
N VAL B 14 -11.16 -13.02 -18.67
CA VAL B 14 -12.24 -12.35 -19.37
C VAL B 14 -12.70 -13.15 -20.58
N ASP B 15 -13.97 -13.05 -20.83
CA ASP B 15 -14.60 -13.86 -21.85
C ASP B 15 -15.03 -12.95 -22.99
N ASN B 16 -14.52 -11.77 -22.95
CA ASN B 16 -14.88 -10.80 -23.99
C ASN B 16 -13.64 -10.09 -24.51
N PHE B 17 -12.51 -10.74 -24.37
CA PHE B 17 -11.23 -10.14 -24.79
C PHE B 17 -11.27 -9.74 -26.27
N ASP B 18 -10.77 -8.57 -26.56
CA ASP B 18 -10.71 -8.14 -27.96
C ASP B 18 -9.27 -8.24 -28.43
N TRP B 19 -9.06 -9.31 -29.20
CA TRP B 19 -7.72 -9.56 -29.76
C TRP B 19 -7.26 -8.44 -30.68
N SER B 20 -8.22 -7.73 -31.22
CA SER B 20 -7.81 -6.76 -32.22
C SER B 20 -7.15 -5.52 -31.61
N ASN B 21 -7.27 -5.40 -30.30
CA ASN B 21 -6.64 -4.25 -29.58
C ASN B 21 -5.29 -4.63 -28.94
N TYR B 22 -4.93 -5.87 -29.16
CA TYR B 22 -3.67 -6.37 -28.62
C TYR B 22 -2.50 -6.02 -29.52
N HIS B 23 -2.16 -4.76 -29.46
CA HIS B 23 -1.02 -4.22 -30.19
C HIS B 23 -0.51 -2.93 -29.54
N GLY B 24 0.70 -2.57 -29.86
CA GLY B 24 1.21 -1.29 -29.39
C GLY B 24 2.01 -1.42 -28.10
N LYS B 25 2.14 -0.28 -27.46
CA LYS B 25 2.99 -0.02 -26.30
C LYS B 25 2.18 0.15 -25.01
N TRP B 26 2.51 -0.78 -24.12
CA TRP B 26 1.78 -1.01 -22.87
C TRP B 26 2.76 -0.85 -21.71
N TRP B 27 2.64 0.27 -21.05
CA TRP B 27 3.52 0.57 -19.94
C TRP B 27 3.22 -0.38 -18.77
N GLU B 28 4.30 -0.79 -18.11
CA GLU B 28 4.13 -1.57 -16.88
C GLU B 28 3.82 -0.71 -15.65
N VAL B 29 2.59 -0.32 -15.47
CA VAL B 29 2.27 0.64 -14.41
C VAL B 29 2.52 0.04 -13.03
N ALA B 30 2.24 -1.24 -12.91
CA ALA B 30 2.53 -1.95 -11.66
C ALA B 30 2.81 -3.44 -11.93
N LYS B 31 3.50 -4.04 -11.00
CA LYS B 31 3.67 -5.48 -11.00
C LYS B 31 3.86 -6.02 -9.58
N TYR B 32 3.80 -7.36 -9.46
CA TYR B 32 4.43 -8.06 -8.34
C TYR B 32 5.91 -8.17 -8.71
N PRO B 33 6.84 -7.87 -7.80
CA PRO B 33 8.26 -8.11 -8.09
C PRO B 33 8.58 -9.54 -8.49
N ASN B 34 9.54 -9.67 -9.37
CA ASN B 34 10.06 -10.96 -9.79
C ASN B 34 11.56 -10.80 -10.05
N SER B 35 12.24 -11.91 -10.12
CA SER B 35 13.69 -11.89 -10.16
C SER B 35 14.20 -11.31 -11.47
N VAL B 36 13.47 -11.51 -12.55
CA VAL B 36 14.03 -11.12 -13.85
C VAL B 36 13.96 -9.60 -14.09
N GLU B 37 12.98 -8.98 -13.47
CA GLU B 37 12.82 -7.54 -13.68
C GLU B 37 13.41 -6.78 -12.50
N LYS B 38 14.17 -7.49 -11.70
CA LYS B 38 14.73 -6.79 -10.54
C LYS B 38 15.64 -5.62 -10.95
N TYR B 39 15.43 -4.54 -10.27
CA TYR B 39 16.15 -3.29 -10.50
C TYR B 39 15.65 -2.46 -11.68
N GLY B 40 14.87 -3.08 -12.56
CA GLY B 40 14.48 -2.42 -13.81
C GLY B 40 13.42 -1.37 -13.57
N LYS B 41 13.53 -0.25 -14.26
CA LYS B 41 12.54 0.85 -14.13
C LYS B 41 11.94 1.16 -15.50
N CYS B 42 10.88 1.94 -15.53
CA CYS B 42 10.31 2.42 -16.81
C CYS B 42 10.02 1.29 -17.80
N GLY B 43 9.37 0.22 -17.33
CA GLY B 43 9.24 -0.97 -18.15
C GLY B 43 8.04 -0.85 -19.07
N TRP B 44 8.17 -1.46 -20.23
CA TRP B 44 7.03 -1.52 -21.14
C TRP B 44 6.99 -2.83 -21.92
N ALA B 45 5.88 -3.13 -22.55
CA ALA B 45 5.77 -4.20 -23.54
C ALA B 45 5.41 -3.61 -24.91
N GLU B 46 5.90 -4.21 -25.94
CA GLU B 46 5.49 -3.86 -27.28
C GLU B 46 4.98 -5.09 -28.03
N TYR B 47 3.69 -5.03 -28.38
CA TYR B 47 3.00 -6.09 -29.11
C TYR B 47 2.84 -5.71 -30.58
N THR B 48 3.61 -6.32 -31.46
CA THR B 48 3.55 -6.02 -32.89
C THR B 48 2.68 -7.04 -33.59
N PRO B 49 1.54 -6.58 -34.07
CA PRO B 49 0.54 -7.49 -34.61
C PRO B 49 0.97 -8.10 -35.94
N GLU B 50 0.90 -9.41 -35.99
CA GLU B 50 1.21 -10.13 -37.22
C GLU B 50 0.01 -10.99 -37.64
N GLY B 51 -1.16 -10.45 -37.32
CA GLY B 51 -2.40 -11.17 -37.56
C GLY B 51 -2.72 -12.19 -36.46
N LYS B 52 -2.41 -13.44 -36.78
CA LYS B 52 -2.72 -14.56 -35.85
C LYS B 52 -2.02 -14.42 -34.50
N SER B 53 -0.82 -13.89 -34.59
CA SER B 53 0.14 -13.74 -33.50
C SER B 53 0.57 -12.30 -33.33
N VAL B 54 1.31 -12.13 -32.29
CA VAL B 54 1.95 -10.85 -32.00
C VAL B 54 3.40 -11.06 -31.59
N LYS B 55 4.26 -10.17 -32.02
CA LYS B 55 5.62 -10.23 -31.57
C LYS B 55 5.70 -9.43 -30.28
N VAL B 56 6.28 -10.06 -29.29
CA VAL B 56 6.35 -9.46 -27.96
C VAL B 56 7.77 -8.94 -27.76
N SER B 57 7.88 -7.70 -27.31
CA SER B 57 9.18 -7.17 -26.83
C SER B 57 8.96 -6.50 -25.49
N ASN B 58 9.58 -7.06 -24.45
CA ASN B 58 9.45 -6.54 -23.08
C ASN B 58 10.73 -5.82 -22.71
N TYR B 59 10.62 -4.60 -22.23
CA TYR B 59 11.79 -3.78 -21.92
C TYR B 59 11.74 -3.24 -20.50
N HIS B 60 12.92 -2.85 -20.05
CA HIS B 60 13.07 -1.89 -18.97
C HIS B 60 14.44 -1.24 -19.06
N VAL B 61 14.61 -0.25 -18.22
CA VAL B 61 15.82 0.57 -18.18
C VAL B 61 16.41 0.56 -16.78
N ILE B 62 17.67 0.19 -16.69
CA ILE B 62 18.43 0.20 -15.45
C ILE B 62 19.65 1.08 -15.68
N HIS B 63 19.66 2.21 -15.04
CA HIS B 63 20.81 3.12 -15.10
C HIS B 63 21.22 3.39 -16.54
N GLY B 64 20.28 3.81 -17.35
CA GLY B 64 20.62 4.33 -18.67
C GLY B 64 20.93 3.24 -19.67
N LYS B 65 20.87 2.02 -19.19
CA LYS B 65 21.02 0.84 -20.05
C LYS B 65 19.71 0.07 -20.17
N GLU B 66 19.44 -0.35 -21.37
CA GLU B 66 18.14 -0.91 -21.70
C GLU B 66 18.27 -2.41 -21.91
N TYR B 67 17.35 -3.15 -21.32
CA TYR B 67 17.42 -4.61 -21.34
C TYR B 67 16.10 -5.09 -21.93
N PHE B 68 16.08 -6.23 -22.57
CA PHE B 68 14.80 -6.69 -23.13
C PHE B 68 14.81 -8.17 -23.48
N ILE B 69 13.62 -8.69 -23.70
CA ILE B 69 13.44 -10.04 -24.23
C ILE B 69 12.37 -9.98 -25.33
N GLU B 70 12.46 -10.91 -26.29
CA GLU B 70 11.50 -10.98 -27.40
C GLU B 70 10.90 -12.38 -27.50
N GLY B 71 9.65 -12.37 -27.83
CA GLY B 71 8.84 -13.58 -27.86
C GLY B 71 7.65 -13.37 -28.81
N THR B 72 6.65 -14.19 -28.59
CA THR B 72 5.49 -14.32 -29.45
C THR B 72 4.30 -14.72 -28.57
N ALA B 73 3.21 -14.05 -28.77
CA ALA B 73 1.97 -14.33 -28.05
C ALA B 73 0.85 -14.61 -29.05
N TYR B 74 -0.01 -15.52 -28.67
CA TYR B 74 -1.17 -15.93 -29.48
C TYR B 74 -2.17 -16.57 -28.53
N PRO B 75 -3.45 -16.46 -28.82
CA PRO B 75 -4.48 -16.99 -27.92
C PRO B 75 -4.39 -18.49 -27.68
N VAL B 76 -4.77 -18.85 -26.47
CA VAL B 76 -4.72 -20.24 -26.01
C VAL B 76 -5.85 -21.00 -26.69
N GLY B 77 -6.95 -20.32 -26.92
CA GLY B 77 -8.05 -20.95 -27.64
C GLY B 77 -8.81 -19.93 -28.46
N ASP B 78 -9.99 -19.66 -28.01
CA ASP B 78 -10.83 -18.66 -28.65
C ASP B 78 -10.29 -17.26 -28.33
N SER B 79 -10.20 -16.46 -29.36
CA SER B 79 -9.69 -15.07 -29.26
C SER B 79 -10.35 -14.31 -28.11
N LYS B 80 -11.65 -14.51 -28.01
CA LYS B 80 -12.48 -13.80 -27.04
C LYS B 80 -12.16 -14.18 -25.61
N ILE B 81 -11.52 -15.32 -25.42
CA ILE B 81 -11.21 -15.73 -24.06
C ILE B 81 -9.80 -15.28 -23.71
N GLY B 82 -9.79 -14.61 -22.56
CA GLY B 82 -8.63 -13.91 -22.00
C GLY B 82 -7.56 -14.83 -21.43
N LYS B 83 -7.19 -15.86 -22.17
CA LYS B 83 -5.96 -16.64 -21.94
C LYS B 83 -5.04 -16.59 -23.16
N ILE B 84 -3.83 -16.12 -22.96
CA ILE B 84 -2.94 -15.97 -24.11
C ILE B 84 -1.65 -16.74 -23.79
N TYR B 85 -1.13 -17.47 -24.75
CA TYR B 85 0.21 -18.05 -24.58
C TYR B 85 1.21 -16.93 -24.83
N HIS B 86 2.19 -16.85 -23.97
CA HIS B 86 3.37 -16.01 -24.18
C HIS B 86 4.57 -16.93 -24.30
N LYS B 87 5.03 -17.06 -25.50
CA LYS B 87 6.09 -18.02 -25.76
C LYS B 87 7.44 -17.34 -25.67
N LEU B 88 8.14 -17.71 -24.61
CA LEU B 88 9.39 -17.04 -24.22
C LEU B 88 10.40 -18.11 -23.82
N THR B 89 11.66 -17.77 -23.95
CA THR B 89 12.74 -18.68 -23.54
C THR B 89 13.53 -18.13 -22.37
N TYR B 90 13.52 -18.91 -21.32
CA TYR B 90 14.36 -18.71 -20.12
C TYR B 90 15.14 -20.00 -19.83
N GLY B 91 16.40 -19.83 -19.54
CA GLY B 91 17.22 -20.96 -19.07
C GLY B 91 17.46 -21.94 -20.20
N GLY B 92 17.52 -21.39 -21.39
CA GLY B 92 17.68 -22.13 -22.64
C GLY B 92 16.40 -22.89 -22.98
N VAL B 93 15.30 -22.44 -22.40
CA VAL B 93 14.08 -23.24 -22.50
C VAL B 93 12.88 -22.40 -22.84
N THR B 94 12.30 -22.73 -23.97
CA THR B 94 11.12 -22.02 -24.46
C THR B 94 9.85 -22.65 -23.93
N LYS B 95 9.05 -21.85 -23.28
CA LYS B 95 7.76 -22.33 -22.83
C LYS B 95 6.70 -21.53 -23.56
N GLU B 96 5.49 -22.03 -23.43
CA GLU B 96 4.28 -21.32 -23.77
C GLU B 96 3.51 -21.07 -22.49
N ASN B 97 3.70 -19.89 -21.91
CA ASN B 97 3.25 -19.58 -20.53
C ASN B 97 1.88 -18.95 -20.58
N VAL B 98 0.98 -19.35 -19.73
CA VAL B 98 -0.36 -18.82 -19.89
C VAL B 98 -0.54 -17.52 -19.14
N PHE B 99 -0.87 -16.51 -19.91
CA PHE B 99 -1.19 -15.24 -19.32
C PHE B 99 -2.72 -15.07 -19.22
N ASN B 100 -3.21 -14.79 -18.02
CA ASN B 100 -4.65 -14.66 -17.83
C ASN B 100 -5.01 -13.20 -17.71
N VAL B 101 -5.90 -12.75 -18.56
CA VAL B 101 -6.35 -11.37 -18.52
C VAL B 101 -7.55 -11.37 -17.60
N LEU B 102 -7.33 -10.80 -16.41
CA LEU B 102 -8.27 -10.87 -15.28
C LEU B 102 -9.29 -9.74 -15.37
N SER B 103 -8.84 -8.63 -15.85
CA SER B 103 -9.67 -7.46 -16.03
C SER B 103 -9.17 -6.62 -17.21
N THR B 104 -10.07 -6.14 -18.05
CA THR B 104 -9.66 -5.20 -19.12
C THR B 104 -10.82 -4.31 -19.59
N ASP B 105 -10.48 -3.18 -20.17
CA ASP B 105 -11.49 -2.30 -20.82
C ASP B 105 -11.38 -2.39 -22.35
N ASN B 106 -10.48 -3.26 -22.79
CA ASN B 106 -10.13 -3.49 -24.20
C ASN B 106 -9.69 -2.21 -24.87
N LYS B 107 -9.17 -1.30 -24.08
CA LYS B 107 -8.82 -0.03 -24.68
C LYS B 107 -7.56 0.53 -24.02
N ASN B 108 -7.68 0.80 -22.72
CA ASN B 108 -6.62 1.52 -22.02
C ASN B 108 -5.81 0.61 -21.10
N TYR B 109 -6.47 -0.26 -20.37
CA TYR B 109 -5.71 -1.10 -19.43
C TYR B 109 -6.00 -2.60 -19.57
N ILE B 110 -5.08 -3.32 -18.97
CA ILE B 110 -5.11 -4.79 -18.89
C ILE B 110 -4.45 -5.25 -17.56
N ILE B 111 -5.17 -6.06 -16.78
CA ILE B 111 -4.61 -6.67 -15.53
C ILE B 111 -4.46 -8.16 -15.78
N GLY B 112 -3.23 -8.65 -15.65
CA GLY B 112 -2.89 -10.00 -16.09
C GLY B 112 -2.15 -10.80 -15.02
N TYR B 113 -2.21 -12.11 -15.15
CA TYR B 113 -1.71 -13.05 -14.12
C TYR B 113 -1.12 -14.29 -14.81
N TYR B 114 0.08 -14.63 -14.36
CA TYR B 114 0.79 -15.87 -14.72
C TYR B 114 1.24 -16.56 -13.43
N CYS B 115 1.03 -17.87 -13.39
CA CYS B 115 1.39 -18.59 -12.18
C CYS B 115 2.44 -19.68 -12.42
N LYS B 116 3.56 -19.54 -11.80
CA LYS B 116 4.66 -20.52 -11.98
C LYS B 116 4.69 -21.57 -10.87
N TYR B 117 4.32 -22.79 -11.24
CA TYR B 117 4.15 -23.91 -10.32
C TYR B 117 5.44 -24.70 -10.15
N ASP B 118 5.83 -24.94 -8.91
CA ASP B 118 6.94 -25.87 -8.64
C ASP B 118 6.38 -27.25 -8.32
N GLU B 119 6.57 -28.16 -9.22
CA GLU B 119 5.91 -29.46 -9.06
C GLU B 119 6.51 -30.25 -7.91
N ASP B 120 7.81 -30.18 -7.83
CA ASP B 120 8.56 -30.87 -6.79
C ASP B 120 8.21 -30.30 -5.41
N LYS B 121 8.02 -28.99 -5.32
CA LYS B 121 7.83 -28.46 -3.97
C LYS B 121 6.40 -28.12 -3.65
N LYS B 122 5.55 -28.47 -4.61
CA LYS B 122 4.09 -28.25 -4.51
C LYS B 122 3.77 -26.86 -3.99
N GLY B 123 4.42 -25.91 -4.62
CA GLY B 123 4.18 -24.48 -4.35
C GLY B 123 4.09 -23.70 -5.65
N HIS B 124 3.65 -22.47 -5.57
CA HIS B 124 3.64 -21.63 -6.79
C HIS B 124 4.07 -20.17 -6.56
N GLN B 125 4.69 -19.57 -7.57
CA GLN B 125 4.98 -18.14 -7.54
C GLN B 125 3.94 -17.42 -8.39
N ASP B 126 3.48 -16.29 -7.88
CA ASP B 126 2.48 -15.47 -8.58
C ASP B 126 3.13 -14.31 -9.32
N PHE B 127 2.71 -14.13 -10.55
CA PHE B 127 3.16 -12.99 -11.36
C PHE B 127 1.96 -12.15 -11.75
N VAL B 128 1.94 -10.89 -11.37
CA VAL B 128 0.83 -10.01 -11.73
C VAL B 128 1.39 -8.77 -12.38
N TRP B 129 0.78 -8.34 -13.49
CA TRP B 129 1.15 -7.06 -14.13
C TRP B 129 -0.10 -6.20 -14.31
N VAL B 130 0.04 -4.94 -14.09
CA VAL B 130 -0.98 -3.94 -14.44
C VAL B 130 -0.43 -3.11 -15.60
N LEU B 131 -1.04 -3.27 -16.77
CA LEU B 131 -0.54 -2.71 -18.05
C LEU B 131 -1.56 -1.74 -18.62
N SER B 132 -1.01 -0.69 -19.21
CA SER B 132 -1.79 0.47 -19.63
C SER B 132 -1.12 1.17 -20.80
N ARG B 133 -1.92 1.76 -21.65
CA ARG B 133 -1.39 2.47 -22.82
C ARG B 133 -0.87 3.85 -22.40
N SER B 134 -1.10 4.18 -21.15
CA SER B 134 -0.53 5.40 -20.57
C SER B 134 0.24 5.13 -19.28
N LYS B 135 1.24 5.94 -19.04
CA LYS B 135 2.14 5.76 -17.89
C LYS B 135 1.45 6.06 -16.56
N VAL B 136 0.43 6.88 -16.61
CA VAL B 136 -0.37 7.13 -15.41
C VAL B 136 -1.82 6.81 -15.68
N LEU B 137 -2.38 6.03 -14.78
CA LEU B 137 -3.80 5.67 -14.88
C LEU B 137 -4.65 6.85 -14.46
N THR B 138 -5.49 7.21 -15.37
CA THR B 138 -6.34 8.38 -15.19
C THR B 138 -7.76 8.05 -15.66
N GLY B 139 -8.72 8.78 -15.12
CA GLY B 139 -10.14 8.67 -15.51
C GLY B 139 -10.75 7.32 -15.15
N GLU B 140 -11.65 6.87 -15.99
CA GLU B 140 -12.34 5.59 -15.80
C GLU B 140 -11.37 4.41 -15.71
N ALA B 141 -10.23 4.53 -16.30
CA ALA B 141 -9.32 3.37 -16.29
C ALA B 141 -8.71 3.17 -14.91
N LYS B 142 -8.41 4.30 -14.27
CA LYS B 142 -7.97 4.38 -12.87
C LYS B 142 -9.02 3.80 -11.93
N THR B 143 -10.25 4.22 -12.10
CA THR B 143 -11.34 3.75 -11.22
C THR B 143 -11.50 2.24 -11.36
N ALA B 144 -11.31 1.82 -12.61
CA ALA B 144 -11.61 0.43 -12.95
C ALA B 144 -10.54 -0.53 -12.46
N VAL B 145 -9.29 -0.09 -12.57
CA VAL B 145 -8.16 -0.85 -12.02
C VAL B 145 -8.24 -0.93 -10.50
N GLU B 146 -8.59 0.17 -9.84
CA GLU B 146 -8.75 0.15 -8.37
C GLU B 146 -9.83 -0.81 -7.92
N ASN B 147 -11.00 -0.63 -8.51
CA ASN B 147 -12.20 -1.36 -8.05
C ASN B 147 -12.07 -2.86 -8.26
N TYR B 148 -11.31 -3.20 -9.30
CA TYR B 148 -10.90 -4.58 -9.52
C TYR B 148 -9.99 -5.03 -8.38
N LEU B 149 -8.96 -4.25 -8.12
CA LEU B 149 -7.90 -4.63 -7.16
C LEU B 149 -8.54 -4.85 -5.80
N ILE B 150 -9.60 -4.11 -5.55
CA ILE B 150 -10.28 -4.23 -4.26
C ILE B 150 -11.09 -5.52 -4.21
N GLY B 151 -11.72 -5.85 -5.29
CA GLY B 151 -12.57 -7.05 -5.18
C GLY B 151 -11.85 -8.36 -5.50
N SER B 152 -10.66 -8.24 -6.06
CA SER B 152 -9.94 -9.42 -6.62
C SER B 152 -9.56 -10.40 -5.52
N PRO B 153 -9.93 -11.65 -5.74
CA PRO B 153 -9.46 -12.78 -4.92
C PRO B 153 -8.01 -13.16 -5.18
N VAL B 154 -7.52 -12.79 -6.35
CA VAL B 154 -6.21 -13.26 -6.82
C VAL B 154 -5.11 -12.30 -6.39
N VAL B 155 -5.31 -11.07 -6.77
CA VAL B 155 -4.30 -10.04 -6.56
C VAL B 155 -4.45 -9.44 -5.16
N ASP B 156 -3.32 -9.33 -4.47
CA ASP B 156 -3.17 -8.49 -3.28
C ASP B 156 -2.50 -7.18 -3.70
N SER B 157 -3.27 -6.12 -3.60
CA SER B 157 -2.80 -4.82 -4.10
C SER B 157 -1.64 -4.34 -3.26
N GLN B 158 -1.49 -4.95 -2.11
CA GLN B 158 -0.40 -4.52 -1.25
C GLN B 158 0.92 -5.15 -1.64
N LYS B 159 0.89 -6.04 -2.62
CA LYS B 159 2.12 -6.68 -3.02
C LYS B 159 2.59 -6.10 -4.35
N LEU B 160 1.77 -5.20 -4.87
CA LEU B 160 2.12 -4.44 -6.10
C LEU B 160 3.23 -3.41 -5.87
N VAL B 161 4.13 -3.39 -6.79
CA VAL B 161 5.08 -2.29 -6.84
C VAL B 161 4.88 -1.47 -8.12
N TYR B 162 4.60 -0.19 -7.99
CA TYR B 162 4.33 0.72 -9.12
C TYR B 162 5.64 1.17 -9.76
N SER B 163 5.63 1.19 -11.09
CA SER B 163 6.85 1.58 -11.79
C SER B 163 7.12 3.07 -11.72
N ASP B 164 8.40 3.37 -11.89
CA ASP B 164 8.93 4.74 -11.98
C ASP B 164 9.07 5.10 -13.45
N PHE B 165 8.33 6.12 -13.84
CA PHE B 165 8.32 6.62 -15.23
C PHE B 165 8.91 8.02 -15.29
N SER B 166 9.77 8.33 -14.37
CA SER B 166 10.44 9.63 -14.45
C SER B 166 11.43 9.62 -15.59
N GLU B 167 11.54 10.80 -16.15
CA GLU B 167 12.42 11.11 -17.28
C GLU B 167 13.77 10.43 -17.07
N ALA B 168 14.22 10.55 -15.82
CA ALA B 168 15.55 10.12 -15.40
C ALA B 168 15.66 8.61 -15.47
N ALA B 169 14.58 7.95 -15.03
CA ALA B 169 14.47 6.48 -15.04
C ALA B 169 14.32 5.92 -16.45
N CYS B 170 13.72 6.73 -17.27
CA CYS B 170 13.42 6.28 -18.63
C CYS B 170 14.55 6.67 -19.58
N LYS B 171 15.49 7.43 -19.07
CA LYS B 171 16.65 7.88 -19.88
C LYS B 171 17.58 6.74 -20.28
N VAL B 172 17.69 6.52 -21.56
CA VAL B 172 18.60 5.51 -22.12
C VAL B 172 19.68 6.19 -22.96
N ASN B 173 20.92 5.77 -22.78
CA ASN B 173 21.94 6.12 -23.80
C ASN B 173 22.58 4.86 -24.38
N ASN C 1 -10.49 10.31 4.84
CA ASN C 1 -11.89 9.95 5.07
C ASN C 1 -12.42 9.21 3.86
N VAL C 2 -13.20 8.20 4.14
CA VAL C 2 -13.66 7.28 3.08
C VAL C 2 -15.19 7.36 2.88
N TYR C 3 -15.57 7.88 1.74
CA TYR C 3 -16.99 8.11 1.46
C TYR C 3 -17.44 7.17 0.35
N HIS C 4 -18.64 6.64 0.49
CA HIS C 4 -19.31 5.94 -0.60
C HIS C 4 -20.79 6.28 -0.64
N ASP C 5 -21.38 5.98 -1.76
CA ASP C 5 -22.82 6.21 -1.99
C ASP C 5 -23.65 5.06 -1.39
N GLY C 6 -24.86 5.37 -1.02
CA GLY C 6 -25.81 4.33 -0.61
C GLY C 6 -25.77 4.16 0.90
N ALA C 7 -26.68 3.38 1.38
CA ALA C 7 -26.74 3.11 2.81
C ALA C 7 -25.58 2.22 3.21
N CYS C 8 -25.46 2.04 4.50
CA CYS C 8 -24.46 1.15 5.09
C CYS C 8 -24.67 -0.30 4.67
N PRO C 9 -23.59 -0.90 4.29
CA PRO C 9 -23.60 -2.24 3.74
C PRO C 9 -23.88 -3.25 4.83
N GLU C 10 -24.40 -4.36 4.45
CA GLU C 10 -24.53 -5.37 5.49
C GLU C 10 -23.22 -6.14 5.56
N VAL C 11 -22.78 -6.27 6.79
CA VAL C 11 -21.51 -6.95 7.07
C VAL C 11 -21.73 -8.13 8.04
N LYS C 12 -20.82 -9.07 8.01
CA LYS C 12 -20.95 -10.25 8.88
C LYS C 12 -19.91 -10.14 9.98
N PRO C 13 -20.40 -9.98 11.20
CA PRO C 13 -19.50 -9.93 12.37
C PRO C 13 -18.99 -11.32 12.71
N VAL C 14 -17.99 -11.40 13.55
CA VAL C 14 -17.55 -12.72 14.05
C VAL C 14 -18.62 -13.28 14.98
N ASP C 15 -18.83 -14.57 14.89
CA ASP C 15 -19.88 -15.23 15.68
C ASP C 15 -19.30 -15.98 16.87
N ASN C 16 -18.06 -15.71 17.18
CA ASN C 16 -17.40 -16.44 18.26
C ASN C 16 -16.59 -15.50 19.15
N PHE C 17 -17.11 -14.31 19.30
CA PHE C 17 -16.40 -13.28 20.06
C PHE C 17 -16.34 -13.58 21.57
N ASP C 18 -15.13 -13.70 22.07
CA ASP C 18 -14.89 -13.80 23.51
C ASP C 18 -14.85 -12.42 24.16
N TRP C 19 -15.99 -12.03 24.67
CA TRP C 19 -16.14 -10.73 25.38
C TRP C 19 -15.20 -10.66 26.59
N SER C 20 -14.73 -11.80 27.04
CA SER C 20 -13.89 -11.73 28.24
C SER C 20 -12.47 -11.29 27.92
N ASN C 21 -12.11 -11.33 26.66
CA ASN C 21 -10.78 -10.84 26.31
C ASN C 21 -10.86 -9.34 26.05
N TYR C 22 -12.08 -8.84 25.93
CA TYR C 22 -12.27 -7.46 25.50
C TYR C 22 -11.97 -6.47 26.63
N HIS C 23 -10.71 -6.36 26.95
CA HIS C 23 -10.26 -5.45 28.01
C HIS C 23 -8.80 -5.11 27.70
N GLY C 24 -8.30 -4.12 28.40
CA GLY C 24 -6.87 -3.81 28.29
C GLY C 24 -6.60 -2.82 27.18
N LYS C 25 -5.32 -2.61 26.93
CA LYS C 25 -4.86 -1.57 26.01
C LYS C 25 -4.68 -2.13 24.61
N TRP C 26 -5.41 -1.52 23.69
CA TRP C 26 -5.36 -1.96 22.33
C TRP C 26 -4.81 -0.83 21.49
N TRP C 27 -3.64 -1.03 20.95
CA TRP C 27 -2.95 -0.09 20.05
C TRP C 27 -3.69 -0.02 18.71
N GLU C 28 -3.82 1.19 18.22
CA GLU C 28 -4.39 1.41 16.88
C GLU C 28 -3.32 1.19 15.80
N VAL C 29 -3.18 -0.04 15.35
CA VAL C 29 -2.08 -0.29 14.43
C VAL C 29 -2.31 0.38 13.07
N ALA C 30 -3.58 0.42 12.65
CA ALA C 30 -3.89 1.07 11.36
C ALA C 30 -5.34 1.51 11.37
N LYS C 31 -5.70 2.39 10.45
CA LYS C 31 -7.11 2.78 10.33
C LYS C 31 -7.39 3.42 8.98
N TYR C 32 -8.67 3.58 8.70
CA TYR C 32 -9.08 4.52 7.65
C TYR C 32 -9.05 5.88 8.30
N PRO C 33 -8.42 6.85 7.65
CA PRO C 33 -8.41 8.22 8.16
C PRO C 33 -9.83 8.78 8.32
N ASN C 34 -10.00 9.50 9.42
CA ASN C 34 -11.24 10.19 9.72
C ASN C 34 -10.90 11.57 10.28
N SER C 35 -11.85 12.44 10.30
CA SER C 35 -11.53 13.82 10.70
C SER C 35 -11.23 13.94 12.21
N VAL C 36 -11.88 13.16 13.07
CA VAL C 36 -11.66 13.32 14.53
C VAL C 36 -10.21 13.00 14.94
N GLU C 37 -9.61 12.11 14.21
CA GLU C 37 -8.28 11.68 14.61
C GLU C 37 -7.19 12.26 13.73
N LYS C 38 -7.52 13.26 12.96
CA LYS C 38 -6.50 13.82 12.07
C LYS C 38 -5.30 14.33 12.84
N TYR C 39 -4.15 14.04 12.27
CA TYR C 39 -2.83 14.46 12.76
C TYR C 39 -2.38 13.71 14.02
N GLY C 40 -3.24 12.88 14.58
CA GLY C 40 -2.85 12.15 15.80
C GLY C 40 -1.84 11.03 15.56
N LYS C 41 -0.97 10.82 16.52
CA LYS C 41 0.01 9.71 16.46
C LYS C 41 -0.15 8.81 17.67
N CYS C 42 0.38 7.61 17.57
CA CYS C 42 0.47 6.70 18.71
C CYS C 42 -0.88 6.42 19.38
N GLY C 43 -1.90 6.14 18.61
CA GLY C 43 -3.23 5.96 19.21
C GLY C 43 -3.39 4.65 19.99
N TRP C 44 -4.27 4.67 20.96
CA TRP C 44 -4.67 3.42 21.63
C TRP C 44 -6.06 3.58 22.26
N ALA C 45 -6.66 2.44 22.52
CA ALA C 45 -7.96 2.29 23.17
C ALA C 45 -7.74 1.52 24.46
N GLU C 46 -8.48 1.85 25.48
CA GLU C 46 -8.35 1.13 26.75
C GLU C 46 -9.74 0.80 27.26
N TYR C 47 -9.94 -0.49 27.42
CA TYR C 47 -11.22 -1.06 27.79
C TYR C 47 -11.19 -1.60 29.22
N THR C 48 -11.87 -0.91 30.10
CA THR C 48 -11.86 -1.29 31.52
C THR C 48 -13.19 -1.92 31.92
N PRO C 49 -13.15 -3.22 32.04
CA PRO C 49 -14.38 -4.00 32.18
C PRO C 49 -15.11 -3.59 33.45
N GLU C 50 -16.43 -3.55 33.37
CA GLU C 50 -17.32 -3.26 34.50
C GLU C 50 -18.51 -4.19 34.44
N GLY C 51 -18.18 -5.44 34.64
CA GLY C 51 -19.11 -6.57 34.53
C GLY C 51 -19.75 -6.66 33.16
N LYS C 52 -20.86 -5.95 33.06
CA LYS C 52 -21.74 -6.03 31.90
C LYS C 52 -21.11 -5.28 30.72
N SER C 53 -20.40 -4.25 31.12
CA SER C 53 -19.92 -3.27 30.17
C SER C 53 -18.40 -3.23 30.15
N VAL C 54 -17.94 -2.23 29.44
CA VAL C 54 -16.54 -1.84 29.50
C VAL C 54 -16.54 -0.33 29.41
N LYS C 55 -15.72 0.31 30.21
CA LYS C 55 -15.51 1.73 29.99
C LYS C 55 -14.43 1.92 28.93
N VAL C 56 -14.70 2.81 28.00
CA VAL C 56 -13.86 2.99 26.81
C VAL C 56 -13.12 4.31 26.96
N SER C 57 -11.85 4.29 26.71
CA SER C 57 -11.10 5.54 26.61
C SER C 57 -10.20 5.45 25.39
N ASN C 58 -10.29 6.43 24.51
CA ASN C 58 -9.51 6.42 23.25
C ASN C 58 -8.57 7.61 23.23
N TYR C 59 -7.28 7.33 23.07
CA TYR C 59 -6.23 8.38 23.08
C TYR C 59 -5.46 8.47 21.76
N HIS C 60 -4.81 9.59 21.64
CA HIS C 60 -3.66 9.74 20.76
C HIS C 60 -2.78 10.87 21.26
N VAL C 61 -1.67 11.06 20.58
CA VAL C 61 -0.74 12.11 20.98
C VAL C 61 -0.50 13.02 19.77
N ILE C 62 -0.61 14.29 19.99
CA ILE C 62 -0.22 15.24 18.95
C ILE C 62 0.78 16.22 19.61
N HIS C 63 2.00 16.22 19.10
CA HIS C 63 3.07 17.16 19.52
C HIS C 63 3.15 17.31 21.04
N GLY C 64 3.34 16.18 21.69
CA GLY C 64 3.59 16.07 23.13
C GLY C 64 2.30 16.20 23.93
N LYS C 65 1.20 16.41 23.25
CA LYS C 65 -0.08 16.62 23.95
C LYS C 65 -1.04 15.47 23.72
N GLU C 66 -1.68 15.05 24.78
CA GLU C 66 -2.60 13.91 24.74
C GLU C 66 -4.06 14.36 24.61
N TYR C 67 -4.78 13.68 23.74
CA TYR C 67 -6.21 13.94 23.56
C TYR C 67 -6.99 12.64 23.69
N PHE C 68 -8.23 12.73 24.13
CA PHE C 68 -9.01 11.51 24.35
C PHE C 68 -10.52 11.73 24.36
N ILE C 69 -11.24 10.65 24.12
CA ILE C 69 -12.68 10.61 24.43
C ILE C 69 -12.95 9.46 25.41
N GLU C 70 -13.97 9.59 26.22
CA GLU C 70 -14.37 8.46 27.03
C GLU C 70 -15.81 8.02 26.74
N GLY C 71 -16.04 6.74 26.79
CA GLY C 71 -17.33 6.20 26.37
C GLY C 71 -17.61 4.89 27.11
N THR C 72 -18.56 4.13 26.63
CA THR C 72 -18.90 2.84 27.24
C THR C 72 -19.25 1.85 26.15
N ALA C 73 -18.89 0.59 26.29
CA ALA C 73 -19.18 -0.36 25.23
C ALA C 73 -19.85 -1.59 25.81
N TYR C 74 -20.75 -2.18 25.05
CA TYR C 74 -21.52 -3.36 25.47
C TYR C 74 -22.06 -4.08 24.24
N PRO C 75 -22.33 -5.38 24.37
CA PRO C 75 -22.82 -6.15 23.23
C PRO C 75 -24.21 -5.69 22.80
N VAL C 76 -24.39 -5.70 21.50
CA VAL C 76 -25.69 -5.34 20.93
C VAL C 76 -26.72 -6.39 21.32
N GLY C 77 -26.30 -7.65 21.33
CA GLY C 77 -27.13 -8.76 21.86
C GLY C 77 -26.33 -9.82 22.62
N ASP C 78 -26.19 -10.95 21.99
CA ASP C 78 -25.33 -12.06 22.41
C ASP C 78 -23.85 -11.67 22.44
N SER C 79 -23.20 -11.92 23.54
CA SER C 79 -21.86 -11.38 23.67
C SER C 79 -20.91 -12.06 22.70
N LYS C 80 -21.21 -13.28 22.29
CA LYS C 80 -20.33 -14.00 21.34
C LYS C 80 -20.50 -13.51 19.91
N ILE C 81 -21.42 -12.59 19.67
CA ILE C 81 -21.49 -12.03 18.32
C ILE C 81 -20.83 -10.64 18.32
N GLY C 82 -19.99 -10.49 17.32
CA GLY C 82 -19.12 -9.32 17.07
C GLY C 82 -19.88 -8.07 16.62
N LYS C 83 -20.88 -7.74 17.40
CA LYS C 83 -21.62 -6.49 17.28
C LYS C 83 -21.68 -5.85 18.68
N ILE C 84 -20.95 -4.77 18.80
CA ILE C 84 -20.77 -4.11 20.07
C ILE C 84 -21.20 -2.65 19.90
N TYR C 85 -22.11 -2.18 20.74
CA TYR C 85 -22.42 -0.75 20.76
C TYR C 85 -21.26 -0.03 21.40
N HIS C 86 -20.90 1.10 20.85
CA HIS C 86 -19.98 2.00 21.55
C HIS C 86 -20.71 3.30 21.74
N LYS C 87 -21.08 3.56 22.97
CA LYS C 87 -21.82 4.77 23.32
C LYS C 87 -20.90 5.96 23.55
N LEU C 88 -20.89 6.82 22.58
CA LEU C 88 -20.03 7.99 22.53
C LEU C 88 -20.90 9.21 22.22
N THR C 89 -20.46 10.34 22.63
CA THR C 89 -21.19 11.55 22.32
C THR C 89 -20.31 12.47 21.49
N TYR C 90 -20.85 12.89 20.39
CA TYR C 90 -20.19 13.86 19.51
C TYR C 90 -21.17 14.97 19.19
N GLY C 91 -20.70 16.20 19.22
CA GLY C 91 -21.54 17.35 18.82
C GLY C 91 -22.82 17.43 19.63
N GLY C 92 -22.74 17.03 20.88
CA GLY C 92 -23.90 17.11 21.79
C GLY C 92 -24.88 15.97 21.58
N VAL C 93 -24.64 15.14 20.59
CA VAL C 93 -25.53 13.95 20.44
C VAL C 93 -24.83 12.66 20.84
N THR C 94 -25.55 11.92 21.68
CA THR C 94 -25.10 10.62 22.18
C THR C 94 -25.73 9.53 21.33
N LYS C 95 -24.89 8.67 20.79
CA LYS C 95 -25.34 7.56 19.95
C LYS C 95 -24.77 6.23 20.41
N GLU C 96 -25.53 5.20 20.20
CA GLU C 96 -25.02 3.85 20.44
C GLU C 96 -24.57 3.33 19.07
N ASN C 97 -23.33 3.66 18.74
CA ASN C 97 -22.73 3.32 17.43
C ASN C 97 -22.38 1.86 17.34
N VAL C 98 -22.87 1.19 16.28
CA VAL C 98 -22.53 -0.22 16.19
C VAL C 98 -21.17 -0.48 15.54
N PHE C 99 -20.36 -1.17 16.31
CA PHE C 99 -19.00 -1.53 15.90
C PHE C 99 -18.99 -3.02 15.53
N ASN C 100 -18.68 -3.33 14.29
CA ASN C 100 -18.74 -4.74 13.86
C ASN C 100 -17.35 -5.33 13.91
N VAL C 101 -17.21 -6.44 14.64
CA VAL C 101 -15.90 -7.10 14.69
C VAL C 101 -15.75 -8.05 13.50
N LEU C 102 -14.89 -7.69 12.55
CA LEU C 102 -14.86 -8.38 11.26
C LEU C 102 -13.92 -9.57 11.31
N SER C 103 -12.98 -9.50 12.22
CA SER C 103 -11.99 -10.57 12.29
C SER C 103 -11.23 -10.38 13.58
N THR C 104 -10.87 -11.46 14.24
CA THR C 104 -10.17 -11.44 15.56
C THR C 104 -9.72 -12.86 15.93
N ASP C 105 -8.65 -12.93 16.69
CA ASP C 105 -8.12 -14.22 17.14
C ASP C 105 -8.49 -14.42 18.60
N ASN C 106 -9.22 -13.44 19.09
CA ASN C 106 -9.60 -13.37 20.51
C ASN C 106 -8.38 -13.36 21.43
N LYS C 107 -7.25 -12.95 20.94
CA LYS C 107 -6.20 -12.63 21.90
C LYS C 107 -5.36 -11.41 21.55
N ASN C 108 -4.91 -11.34 20.30
CA ASN C 108 -3.89 -10.33 19.96
C ASN C 108 -4.44 -9.24 19.05
N TYR C 109 -5.38 -9.60 18.20
CA TYR C 109 -5.86 -8.57 17.28
C TYR C 109 -7.38 -8.59 17.13
N ILE C 110 -7.86 -7.43 16.74
CA ILE C 110 -9.28 -7.19 16.43
C ILE C 110 -9.35 -6.22 15.20
N ILE C 111 -10.10 -6.59 14.13
CA ILE C 111 -10.34 -5.68 12.93
C ILE C 111 -11.83 -5.34 12.92
N GLY C 112 -12.13 -4.05 13.07
CA GLY C 112 -13.49 -3.59 13.32
C GLY C 112 -13.92 -2.46 12.37
N TYR C 113 -15.25 -2.38 12.21
CA TYR C 113 -15.92 -1.50 11.26
C TYR C 113 -17.13 -0.78 11.87
N TYR C 114 -17.21 0.51 11.57
CA TYR C 114 -18.37 1.35 11.89
C TYR C 114 -18.75 2.13 10.63
N CYS C 115 -20.02 2.18 10.32
CA CYS C 115 -20.49 2.94 9.17
C CYS C 115 -21.35 4.11 9.58
N LYS C 116 -20.99 5.28 9.08
CA LYS C 116 -21.75 6.48 9.38
C LYS C 116 -22.61 6.89 8.20
N TYR C 117 -23.92 6.75 8.30
CA TYR C 117 -24.84 7.08 7.20
C TYR C 117 -25.27 8.55 7.20
N ASP C 118 -25.36 9.16 6.00
CA ASP C 118 -25.91 10.53 5.77
C ASP C 118 -27.26 10.41 5.07
N GLU C 119 -28.24 10.56 5.88
CA GLU C 119 -29.64 10.42 5.52
C GLU C 119 -30.03 11.45 4.38
N ASP C 120 -29.43 12.63 4.42
CA ASP C 120 -29.71 13.73 3.46
C ASP C 120 -29.08 13.46 2.08
N LYS C 121 -27.90 12.86 2.10
CA LYS C 121 -27.11 12.68 0.88
C LYS C 121 -27.14 11.26 0.34
N LYS C 122 -27.95 10.45 1.02
CA LYS C 122 -28.05 9.00 0.71
C LYS C 122 -26.70 8.35 0.42
N GLY C 123 -25.72 8.68 1.28
CA GLY C 123 -24.36 8.12 1.23
C GLY C 123 -23.81 7.73 2.62
N HIS C 124 -22.65 7.09 2.69
CA HIS C 124 -22.05 6.75 4.01
C HIS C 124 -20.53 6.86 4.09
N GLN C 125 -20.07 7.11 5.29
CA GLN C 125 -18.62 7.20 5.57
C GLN C 125 -18.17 5.93 6.27
N ASP C 126 -17.05 5.40 5.83
CA ASP C 126 -16.52 4.18 6.41
C ASP C 126 -15.41 4.45 7.38
N PHE C 127 -15.54 3.79 8.50
CA PHE C 127 -14.53 3.83 9.55
C PHE C 127 -14.02 2.40 9.78
N VAL C 128 -12.72 2.21 9.66
CA VAL C 128 -12.14 0.88 9.96
C VAL C 128 -10.94 1.08 10.89
N TRP C 129 -10.76 0.19 11.88
CA TRP C 129 -9.56 0.20 12.76
C TRP C 129 -9.00 -1.21 12.85
N VAL C 130 -7.68 -1.28 12.86
CA VAL C 130 -6.99 -2.52 13.20
C VAL C 130 -6.34 -2.35 14.57
N LEU C 131 -6.92 -3.03 15.54
CA LEU C 131 -6.49 -2.89 16.93
C LEU C 131 -5.63 -4.09 17.32
N SER C 132 -4.62 -3.84 18.11
CA SER C 132 -3.70 -4.91 18.51
C SER C 132 -3.17 -4.67 19.91
N ARG C 133 -2.97 -5.77 20.66
CA ARG C 133 -2.37 -5.61 22.01
C ARG C 133 -0.88 -5.29 21.95
N SER C 134 -0.32 -5.36 20.77
CA SER C 134 1.08 -4.94 20.58
C SER C 134 1.21 -3.91 19.45
N LYS C 135 2.14 -3.01 19.61
CA LYS C 135 2.30 -1.92 18.64
C LYS C 135 2.67 -2.43 17.25
N VAL C 136 3.23 -3.63 17.17
CA VAL C 136 3.61 -4.23 15.90
C VAL C 136 3.02 -5.62 15.78
N LEU C 137 2.40 -5.88 14.65
CA LEU C 137 1.95 -7.24 14.33
C LEU C 137 3.08 -8.20 13.94
N THR C 138 3.07 -9.29 14.68
CA THR C 138 4.08 -10.34 14.70
C THR C 138 3.35 -11.68 14.70
N GLY C 139 4.09 -12.67 14.23
CA GLY C 139 3.71 -14.10 14.22
C GLY C 139 2.39 -14.31 13.50
N GLU C 140 1.56 -15.15 14.09
CA GLU C 140 0.28 -15.61 13.51
C GLU C 140 -0.70 -14.46 13.34
N ALA C 141 -0.64 -13.54 14.28
CA ALA C 141 -1.46 -12.31 14.19
C ALA C 141 -1.16 -11.58 12.89
N LYS C 142 0.13 -11.38 12.62
CA LYS C 142 0.49 -10.62 11.41
C LYS C 142 -0.02 -11.34 10.17
N THR C 143 0.10 -12.64 10.20
CA THR C 143 -0.39 -13.41 9.04
C THR C 143 -1.91 -13.34 8.91
N ALA C 144 -2.59 -13.51 10.04
CA ALA C 144 -4.05 -13.51 10.06
C ALA C 144 -4.60 -12.18 9.56
N VAL C 145 -4.02 -11.12 10.05
CA VAL C 145 -4.44 -9.80 9.57
C VAL C 145 -4.23 -9.66 8.06
N GLU C 146 -3.02 -9.99 7.60
CA GLU C 146 -2.66 -9.92 6.17
C GLU C 146 -3.73 -10.63 5.32
N ASN C 147 -4.01 -11.85 5.71
CA ASN C 147 -4.93 -12.71 4.94
C ASN C 147 -6.34 -12.17 4.97
N TYR C 148 -6.77 -11.68 6.13
CA TYR C 148 -8.15 -11.14 6.17
C TYR C 148 -8.24 -9.94 5.21
N LEU C 149 -7.25 -9.10 5.31
CA LEU C 149 -7.27 -7.88 4.54
C LEU C 149 -7.40 -8.22 3.06
N ILE C 150 -6.74 -9.30 2.72
CA ILE C 150 -6.68 -9.58 1.29
C ILE C 150 -7.95 -10.15 0.70
N GLY C 151 -8.70 -10.84 1.56
CA GLY C 151 -10.00 -11.40 1.16
C GLY C 151 -11.20 -10.46 1.38
N SER C 152 -11.04 -9.49 2.28
CA SER C 152 -12.16 -8.68 2.79
C SER C 152 -13.07 -8.05 1.72
N PRO C 153 -14.37 -8.29 1.84
CA PRO C 153 -15.32 -7.56 1.00
C PRO C 153 -15.48 -6.12 1.46
N VAL C 154 -15.07 -5.77 2.66
CA VAL C 154 -15.39 -4.41 3.17
C VAL C 154 -14.17 -3.51 3.19
N VAL C 155 -13.13 -4.00 3.82
CA VAL C 155 -11.91 -3.20 4.01
C VAL C 155 -11.01 -3.21 2.78
N ASP C 156 -10.75 -2.03 2.27
CA ASP C 156 -9.72 -1.81 1.26
C ASP C 156 -8.42 -1.40 1.94
N SER C 157 -7.51 -2.33 1.94
CA SER C 157 -6.25 -2.19 2.65
C SER C 157 -5.47 -1.01 2.08
N GLN C 158 -5.89 -0.62 0.92
CA GLN C 158 -5.12 0.42 0.27
C GLN C 158 -5.57 1.76 0.84
N LYS C 159 -6.63 1.72 1.59
CA LYS C 159 -7.04 2.94 2.28
C LYS C 159 -6.63 2.99 3.75
N LEU C 160 -5.90 1.98 4.17
CA LEU C 160 -5.39 1.97 5.55
C LEU C 160 -4.17 2.88 5.69
N VAL C 161 -4.11 3.57 6.82
CA VAL C 161 -2.90 4.28 7.26
C VAL C 161 -2.42 3.67 8.59
N TYR C 162 -1.20 3.23 8.61
CA TYR C 162 -0.67 2.59 9.83
C TYR C 162 -0.09 3.67 10.71
N SER C 163 -0.25 3.47 12.01
CA SER C 163 0.12 4.52 12.97
C SER C 163 1.62 4.61 13.23
N ASP C 164 2.00 5.75 13.75
CA ASP C 164 3.37 6.01 14.15
C ASP C 164 3.52 5.77 15.66
N PHE C 165 4.23 4.67 15.94
CA PHE C 165 4.59 4.26 17.33
C PHE C 165 6.07 4.54 17.67
N SER C 166 6.67 5.51 17.02
CA SER C 166 7.94 6.09 17.46
C SER C 166 7.87 6.60 18.89
N GLU C 167 9.02 6.57 19.46
CA GLU C 167 9.27 7.04 20.81
C GLU C 167 8.89 8.52 20.87
N ALA C 168 9.37 9.22 19.88
CA ALA C 168 9.07 10.64 19.65
C ALA C 168 7.59 10.91 19.42
N ALA C 169 6.96 10.02 18.68
CA ALA C 169 5.53 10.12 18.37
C ALA C 169 4.70 9.98 19.64
N CYS C 170 5.17 9.08 20.49
CA CYS C 170 4.41 8.65 21.66
C CYS C 170 4.74 9.50 22.89
N LYS C 171 5.79 10.28 22.79
CA LYS C 171 6.22 11.14 23.90
C LYS C 171 5.15 12.14 24.33
N VAL C 172 4.69 12.00 25.56
CA VAL C 172 3.69 12.95 26.10
C VAL C 172 4.32 13.87 27.14
N ASN C 173 4.20 15.17 26.94
CA ASN C 173 4.66 16.12 27.96
C ASN C 173 3.58 17.03 28.54
N ASN D 1 11.00 -11.71 -2.28
CA ASN D 1 12.35 -11.12 -2.41
C ASN D 1 12.27 -9.61 -2.39
N VAL D 2 13.21 -9.01 -1.67
CA VAL D 2 13.17 -7.56 -1.42
C VAL D 2 14.37 -6.85 -2.07
N TYR D 3 14.05 -6.07 -3.10
CA TYR D 3 15.04 -5.48 -4.00
C TYR D 3 15.01 -3.98 -3.84
N HIS D 4 16.17 -3.37 -3.88
CA HIS D 4 16.24 -1.92 -3.87
C HIS D 4 17.32 -1.45 -4.83
N ASP D 5 17.20 -0.21 -5.24
CA ASP D 5 18.23 0.36 -6.10
C ASP D 5 19.39 0.73 -5.19
N GLY D 6 20.58 0.78 -5.74
CA GLY D 6 21.65 1.45 -5.01
C GLY D 6 22.57 0.47 -4.30
N ALA D 7 23.60 1.02 -3.69
CA ALA D 7 24.54 0.22 -2.90
C ALA D 7 23.86 -0.30 -1.64
N CYS D 8 24.52 -1.21 -0.96
CA CYS D 8 24.04 -1.67 0.34
C CYS D 8 24.09 -0.55 1.38
N PRO D 9 23.06 -0.50 2.21
CA PRO D 9 22.97 0.51 3.27
C PRO D 9 24.08 0.29 4.28
N GLU D 10 24.48 1.39 4.88
CA GLU D 10 25.36 1.29 6.04
C GLU D 10 24.51 0.95 7.26
N VAL D 11 24.93 -0.10 7.89
CA VAL D 11 24.17 -0.75 8.94
C VAL D 11 25.01 -0.74 10.23
N LYS D 12 24.35 -0.63 11.37
CA LYS D 12 25.14 -0.66 12.61
C LYS D 12 24.90 -1.94 13.40
N PRO D 13 25.87 -2.80 13.39
CA PRO D 13 25.79 -4.05 14.16
C PRO D 13 25.98 -3.81 15.66
N VAL D 14 25.47 -4.76 16.44
CA VAL D 14 25.67 -4.71 17.89
C VAL D 14 27.15 -4.83 18.22
N ASP D 15 27.56 -4.12 19.25
CA ASP D 15 28.98 -4.11 19.64
C ASP D 15 29.19 -4.88 20.94
N ASN D 16 28.19 -5.66 21.28
CA ASN D 16 28.21 -6.46 22.50
C ASN D 16 27.88 -7.93 22.24
N PHE D 17 28.21 -8.39 21.07
CA PHE D 17 27.85 -9.77 20.67
C PHE D 17 28.50 -10.86 21.53
N ASP D 18 27.69 -11.76 22.04
CA ASP D 18 28.28 -12.89 22.78
C ASP D 18 28.42 -14.12 21.89
N TRP D 19 29.62 -14.24 21.36
CA TRP D 19 29.99 -15.34 20.47
C TRP D 19 29.76 -16.70 21.13
N SER D 20 29.88 -16.71 22.45
CA SER D 20 29.74 -17.96 23.23
C SER D 20 28.34 -18.52 23.06
N ASN D 21 27.45 -17.59 22.88
CA ASN D 21 26.03 -17.93 22.92
C ASN D 21 25.53 -18.28 21.52
N TYR D 22 26.39 -18.01 20.56
CA TYR D 22 26.10 -18.33 19.15
C TYR D 22 26.37 -19.81 18.87
N HIS D 23 25.53 -20.65 19.44
CA HIS D 23 25.78 -22.10 19.42
C HIS D 23 24.45 -22.75 19.68
N GLY D 24 24.26 -23.90 19.08
CA GLY D 24 23.00 -24.60 19.32
C GLY D 24 21.92 -24.12 18.35
N LYS D 25 20.72 -24.47 18.70
CA LYS D 25 19.61 -24.47 17.76
C LYS D 25 18.76 -23.21 17.87
N TRP D 26 18.57 -22.58 16.72
CA TRP D 26 17.76 -21.36 16.56
C TRP D 26 16.67 -21.59 15.51
N TRP D 27 15.42 -21.41 15.88
CA TRP D 27 14.32 -21.42 14.89
C TRP D 27 14.30 -20.13 14.07
N GLU D 28 13.87 -20.25 12.81
CA GLU D 28 13.66 -19.00 12.10
C GLU D 28 12.22 -18.54 12.22
N VAL D 29 12.01 -17.70 13.22
CA VAL D 29 10.68 -17.22 13.54
C VAL D 29 10.14 -16.35 12.39
N ALA D 30 11.01 -15.58 11.79
CA ALA D 30 10.59 -14.74 10.65
C ALA D 30 11.72 -14.56 9.67
N LYS D 31 11.36 -14.15 8.45
CA LYS D 31 12.32 -13.66 7.44
C LYS D 31 11.73 -12.72 6.39
N TYR D 32 12.64 -12.13 5.63
CA TYR D 32 12.24 -11.63 4.30
C TYR D 32 12.25 -12.85 3.40
N PRO D 33 11.21 -12.97 2.59
CA PRO D 33 11.19 -14.00 1.54
C PRO D 33 12.43 -13.97 0.62
N ASN D 34 12.89 -15.15 0.26
CA ASN D 34 14.00 -15.26 -0.68
C ASN D 34 13.84 -16.53 -1.50
N SER D 35 14.60 -16.61 -2.56
CA SER D 35 14.34 -17.66 -3.52
C SER D 35 14.92 -18.98 -3.06
N VAL D 36 15.98 -18.93 -2.30
CA VAL D 36 16.53 -20.18 -1.79
C VAL D 36 15.56 -20.86 -0.82
N GLU D 37 14.83 -20.08 -0.06
CA GLU D 37 13.97 -20.65 0.98
C GLU D 37 12.50 -20.79 0.60
N LYS D 38 12.26 -20.55 -0.67
CA LYS D 38 10.97 -20.72 -1.37
C LYS D 38 10.23 -21.95 -0.85
N TYR D 39 9.02 -21.71 -0.35
CA TYR D 39 8.04 -22.74 0.01
C TYR D 39 8.40 -23.45 1.31
N GLY D 40 9.59 -23.20 1.85
CA GLY D 40 10.06 -23.95 3.03
C GLY D 40 9.26 -23.64 4.30
N LYS D 41 9.10 -24.61 5.18
CA LYS D 41 8.48 -24.35 6.49
C LYS D 41 9.38 -24.84 7.62
N CYS D 42 8.95 -24.50 8.82
CA CYS D 42 9.53 -24.98 10.06
C CYS D 42 11.06 -24.88 10.05
N GLY D 43 11.55 -23.71 9.73
CA GLY D 43 12.99 -23.62 9.42
C GLY D 43 13.81 -23.34 10.67
N TRP D 44 15.07 -23.75 10.65
CA TRP D 44 15.96 -23.58 11.82
C TRP D 44 17.41 -23.64 11.39
N ALA D 45 18.26 -23.16 12.26
CA ALA D 45 19.69 -23.25 12.02
C ALA D 45 20.36 -23.92 13.23
N GLU D 46 21.53 -24.41 13.00
CA GLU D 46 22.26 -25.09 14.06
C GLU D 46 23.74 -24.76 13.96
N TYR D 47 24.28 -24.12 15.01
CA TYR D 47 25.67 -23.68 15.07
C TYR D 47 26.50 -24.56 16.02
N THR D 48 27.52 -25.15 15.48
CA THR D 48 28.33 -26.11 16.22
C THR D 48 29.78 -25.67 16.24
N PRO D 49 30.17 -25.19 17.40
CA PRO D 49 31.50 -24.59 17.59
C PRO D 49 32.61 -25.51 17.14
N GLU D 50 33.57 -24.89 16.50
CA GLU D 50 34.85 -25.54 16.19
C GLU D 50 36.00 -24.56 16.40
N GLY D 51 36.28 -24.20 17.63
CA GLY D 51 37.30 -23.19 17.84
C GLY D 51 36.67 -21.82 17.73
N LYS D 52 37.28 -20.97 16.92
CA LYS D 52 36.82 -19.58 16.81
C LYS D 52 35.73 -19.48 15.75
N SER D 53 35.45 -20.62 15.16
CA SER D 53 34.44 -20.80 14.14
C SER D 53 33.28 -21.60 14.69
N VAL D 54 32.24 -21.58 13.91
CA VAL D 54 31.05 -22.38 14.16
C VAL D 54 30.72 -23.06 12.85
N LYS D 55 30.29 -24.29 12.93
CA LYS D 55 29.83 -24.98 11.74
C LYS D 55 28.33 -24.72 11.64
N VAL D 56 27.87 -24.33 10.45
CA VAL D 56 26.47 -23.93 10.15
C VAL D 56 25.71 -25.03 9.42
N SER D 57 24.48 -25.33 9.87
CA SER D 57 23.49 -26.14 9.12
C SER D 57 22.13 -25.47 9.18
N ASN D 58 21.60 -25.10 8.03
CA ASN D 58 20.31 -24.38 7.95
C ASN D 58 19.31 -25.34 7.33
N TYR D 59 18.17 -25.49 7.98
CA TYR D 59 17.18 -26.46 7.49
C TYR D 59 15.82 -25.82 7.30
N HIS D 60 15.04 -26.51 6.50
CA HIS D 60 13.56 -26.41 6.49
C HIS D 60 12.94 -27.68 5.92
N VAL D 61 11.62 -27.69 5.98
CA VAL D 61 10.85 -28.89 5.64
C VAL D 61 9.78 -28.49 4.62
N ILE D 62 9.74 -29.26 3.56
CA ILE D 62 8.77 -29.07 2.51
C ILE D 62 8.05 -30.38 2.26
N HIS D 63 6.80 -30.44 2.68
CA HIS D 63 5.97 -31.64 2.49
C HIS D 63 6.68 -32.91 2.98
N GLY D 64 7.02 -32.94 4.27
CA GLY D 64 7.64 -34.12 4.91
C GLY D 64 9.10 -34.35 4.54
N LYS D 65 9.64 -33.53 3.68
CA LYS D 65 11.02 -33.75 3.27
C LYS D 65 11.94 -32.63 3.76
N GLU D 66 13.13 -33.01 4.13
CA GLU D 66 14.12 -32.10 4.70
C GLU D 66 15.18 -31.64 3.69
N TYR D 67 15.40 -30.33 3.68
CA TYR D 67 16.38 -29.69 2.80
C TYR D 67 17.26 -28.85 3.71
N PHE D 68 18.55 -28.80 3.40
CA PHE D 68 19.58 -28.09 4.21
C PHE D 68 20.81 -27.66 3.42
N ILE D 69 21.54 -26.76 4.03
CA ILE D 69 22.87 -26.41 3.56
C ILE D 69 23.80 -26.44 4.77
N GLU D 70 25.06 -26.72 4.52
CA GLU D 70 26.07 -26.53 5.54
C GLU D 70 27.08 -25.49 5.10
N GLY D 71 27.72 -24.92 6.07
CA GLY D 71 28.84 -24.04 5.80
C GLY D 71 29.47 -23.74 7.15
N THR D 72 30.20 -22.65 7.20
CA THR D 72 30.90 -22.22 8.41
C THR D 72 30.75 -20.71 8.65
N ALA D 73 30.75 -20.32 9.91
CA ALA D 73 30.62 -18.91 10.23
C ALA D 73 31.78 -18.55 11.13
N TYR D 74 32.33 -17.38 10.98
CA TYR D 74 33.39 -16.88 11.87
C TYR D 74 33.37 -15.35 11.87
N PRO D 75 33.86 -14.68 12.92
CA PRO D 75 33.77 -13.20 12.95
C PRO D 75 34.65 -12.51 11.91
N VAL D 76 34.16 -11.36 11.50
CA VAL D 76 34.87 -10.49 10.57
C VAL D 76 36.08 -9.90 11.28
N GLY D 77 35.92 -9.60 12.56
CA GLY D 77 37.09 -9.25 13.37
C GLY D 77 36.91 -9.68 14.81
N ASP D 78 36.82 -8.70 15.66
CA ASP D 78 36.50 -8.79 17.08
C ASP D 78 35.13 -9.44 17.22
N SER D 79 35.04 -10.41 18.07
CA SER D 79 33.79 -11.13 18.27
C SER D 79 32.74 -10.30 18.99
N LYS D 80 33.12 -9.17 19.53
CA LYS D 80 32.13 -8.34 20.21
C LYS D 80 31.27 -7.59 19.20
N ILE D 81 31.82 -7.43 18.03
CA ILE D 81 31.14 -6.71 16.95
C ILE D 81 30.41 -7.78 16.10
N GLY D 82 29.09 -7.58 16.06
CA GLY D 82 28.09 -8.45 15.39
C GLY D 82 28.18 -8.43 13.86
N LYS D 83 29.38 -8.51 13.28
CA LYS D 83 29.44 -8.83 11.83
C LYS D 83 30.29 -10.06 11.67
N ILE D 84 29.57 -11.04 11.16
CA ILE D 84 30.03 -12.40 10.99
C ILE D 84 30.06 -12.82 9.52
N TYR D 85 31.18 -13.40 9.11
CA TYR D 85 31.30 -14.08 7.83
C TYR D 85 30.56 -15.40 7.89
N HIS D 86 29.74 -15.63 6.88
CA HIS D 86 29.07 -16.90 6.71
C HIS D 86 29.48 -17.47 5.36
N LYS D 87 30.34 -18.44 5.45
CA LYS D 87 30.96 -19.00 4.24
C LYS D 87 30.16 -20.18 3.71
N LEU D 88 29.44 -19.93 2.63
CA LEU D 88 28.55 -20.91 2.02
C LEU D 88 28.83 -20.96 0.53
N THR D 89 28.42 -22.05 -0.10
CA THR D 89 28.49 -22.18 -1.55
C THR D 89 27.10 -22.20 -2.19
N TYR D 90 26.97 -21.37 -3.19
CA TYR D 90 25.82 -21.38 -4.10
C TYR D 90 26.34 -21.23 -5.52
N GLY D 91 25.72 -21.91 -6.46
CA GLY D 91 26.05 -21.73 -7.89
C GLY D 91 27.50 -22.09 -8.20
N GLY D 92 28.02 -22.99 -7.39
CA GLY D 92 29.39 -23.49 -7.53
C GLY D 92 30.38 -22.45 -7.02
N VAL D 93 29.84 -21.39 -6.45
CA VAL D 93 30.69 -20.31 -5.94
C VAL D 93 30.61 -20.18 -4.42
N THR D 94 31.79 -20.25 -3.83
CA THR D 94 31.96 -20.13 -2.38
C THR D 94 32.40 -18.72 -2.02
N LYS D 95 31.57 -18.11 -1.21
CA LYS D 95 31.75 -16.73 -0.77
C LYS D 95 31.66 -16.55 0.73
N GLU D 96 32.37 -15.53 1.13
CA GLU D 96 32.30 -15.01 2.49
C GLU D 96 31.26 -13.90 2.41
N ASN D 97 30.16 -14.11 3.10
CA ASN D 97 28.92 -13.17 3.07
C ASN D 97 28.85 -12.56 4.46
N VAL D 98 28.81 -11.25 4.54
CA VAL D 98 28.65 -10.60 5.84
C VAL D 98 27.22 -10.64 6.34
N PHE D 99 27.08 -11.18 7.53
CA PHE D 99 25.80 -11.22 8.23
C PHE D 99 25.92 -10.26 9.42
N ASN D 100 25.07 -9.24 9.46
CA ASN D 100 25.16 -8.17 10.45
C ASN D 100 24.11 -8.41 11.51
N VAL D 101 24.53 -8.44 12.76
CA VAL D 101 23.59 -8.68 13.84
C VAL D 101 23.11 -7.31 14.28
N LEU D 102 21.91 -7.01 13.89
CA LEU D 102 21.34 -5.67 14.10
C LEU D 102 20.83 -5.50 15.53
N SER D 103 20.30 -6.59 16.08
CA SER D 103 19.70 -6.57 17.43
C SER D 103 19.70 -7.98 18.03
N THR D 104 19.97 -8.04 19.32
CA THR D 104 19.94 -9.27 20.10
C THR D 104 19.93 -8.98 21.59
N ASP D 105 19.46 -9.97 22.35
CA ASP D 105 19.58 -9.97 23.84
C ASP D 105 20.70 -10.89 24.33
N ASN D 106 21.26 -11.62 23.37
CA ASN D 106 22.31 -12.64 23.59
C ASN D 106 21.74 -13.80 24.40
N LYS D 107 20.43 -13.87 24.49
CA LYS D 107 19.81 -14.93 25.27
C LYS D 107 18.80 -15.67 24.42
N ASN D 108 17.84 -14.92 23.93
CA ASN D 108 16.70 -15.55 23.26
C ASN D 108 16.69 -15.39 21.74
N TYR D 109 17.07 -14.22 21.25
CA TYR D 109 16.77 -13.89 19.85
C TYR D 109 17.91 -13.16 19.18
N ILE D 110 17.82 -13.15 17.86
CA ILE D 110 18.75 -12.44 17.00
C ILE D 110 18.01 -11.94 15.75
N ILE D 111 18.18 -10.67 15.46
CA ILE D 111 17.67 -10.11 14.20
C ILE D 111 18.90 -9.80 13.33
N GLY D 112 19.04 -10.53 12.22
CA GLY D 112 20.21 -10.34 11.37
C GLY D 112 19.90 -9.93 9.92
N TYR D 113 20.89 -9.38 9.26
CA TYR D 113 20.74 -8.83 7.90
C TYR D 113 21.96 -9.13 7.03
N TYR D 114 21.68 -9.58 5.82
CA TYR D 114 22.66 -9.75 4.75
C TYR D 114 22.21 -8.96 3.51
N CYS D 115 23.13 -8.29 2.87
CA CYS D 115 22.75 -7.53 1.69
C CYS D 115 23.52 -8.04 0.49
N LYS D 116 22.78 -8.40 -0.54
CA LYS D 116 23.40 -8.93 -1.76
C LYS D 116 23.41 -7.90 -2.89
N TYR D 117 24.58 -7.36 -3.18
CA TYR D 117 24.72 -6.26 -4.16
C TYR D 117 24.97 -6.81 -5.55
N ASP D 118 24.24 -6.25 -6.53
CA ASP D 118 24.43 -6.49 -7.96
C ASP D 118 25.24 -5.37 -8.59
N GLU D 119 26.50 -5.69 -8.89
CA GLU D 119 27.45 -4.71 -9.46
C GLU D 119 27.02 -4.24 -10.84
N ASP D 120 26.48 -5.15 -11.58
CA ASP D 120 26.04 -4.87 -12.94
C ASP D 120 24.85 -3.93 -12.94
N LYS D 121 23.85 -4.28 -12.16
CA LYS D 121 22.61 -3.51 -12.10
C LYS D 121 22.69 -2.35 -11.11
N LYS D 122 23.78 -2.24 -10.35
CA LYS D 122 23.85 -1.18 -9.32
C LYS D 122 22.65 -1.17 -8.37
N GLY D 123 22.23 -2.34 -7.93
CA GLY D 123 21.09 -2.52 -7.00
C GLY D 123 21.44 -3.53 -5.92
N HIS D 124 20.56 -3.73 -4.97
CA HIS D 124 20.79 -4.78 -3.95
C HIS D 124 19.53 -5.50 -3.42
N GLN D 125 19.76 -6.73 -2.97
CA GLN D 125 18.70 -7.56 -2.38
C GLN D 125 18.91 -7.63 -0.87
N ASP D 126 17.83 -7.44 -0.15
CA ASP D 126 17.85 -7.46 1.33
C ASP D 126 17.42 -8.83 1.86
N PHE D 127 18.24 -9.34 2.76
CA PHE D 127 17.92 -10.60 3.46
C PHE D 127 17.90 -10.35 4.97
N VAL D 128 16.78 -10.64 5.61
CA VAL D 128 16.61 -10.41 7.06
C VAL D 128 16.01 -11.67 7.68
N TRP D 129 16.59 -12.07 8.79
CA TRP D 129 16.17 -13.25 9.58
C TRP D 129 15.97 -12.82 11.02
N VAL D 130 14.92 -13.36 11.60
CA VAL D 130 14.65 -13.28 13.04
C VAL D 130 14.73 -14.68 13.66
N LEU D 131 15.86 -14.91 14.35
CA LEU D 131 16.26 -16.20 14.97
C LEU D 131 15.87 -16.19 16.44
N SER D 132 15.46 -17.34 16.88
CA SER D 132 15.06 -17.42 18.28
C SER D 132 15.27 -18.85 18.80
N ARG D 133 15.53 -18.93 20.09
CA ARG D 133 15.63 -20.23 20.81
C ARG D 133 14.25 -20.85 20.93
N SER D 134 13.26 -20.01 20.75
CA SER D 134 11.87 -20.39 21.01
C SER D 134 11.05 -20.14 19.74
N LYS D 135 10.15 -21.06 19.39
CA LYS D 135 9.42 -20.96 18.13
C LYS D 135 8.44 -19.80 18.16
N VAL D 136 8.04 -19.41 19.36
CA VAL D 136 7.19 -18.24 19.52
C VAL D 136 7.93 -17.21 20.35
N LEU D 137 7.98 -15.97 19.93
CA LEU D 137 8.56 -14.93 20.77
C LEU D 137 7.60 -14.60 21.89
N THR D 138 8.15 -14.30 23.04
CA THR D 138 7.32 -13.99 24.19
C THR D 138 8.09 -13.10 25.16
N GLY D 139 7.35 -12.47 26.04
CA GLY D 139 7.91 -11.70 27.15
C GLY D 139 8.87 -10.61 26.69
N GLU D 140 9.95 -10.47 27.43
CA GLU D 140 10.95 -9.45 27.13
C GLU D 140 11.51 -9.57 25.70
N ALA D 141 11.72 -10.79 25.25
CA ALA D 141 12.31 -10.98 23.91
C ALA D 141 11.37 -10.42 22.87
N LYS D 142 10.09 -10.70 23.06
CA LYS D 142 9.07 -10.23 22.12
C LYS D 142 9.07 -8.71 22.08
N THR D 143 9.09 -8.17 23.27
CA THR D 143 9.10 -6.72 23.46
C THR D 143 10.36 -6.08 22.88
N ALA D 144 11.44 -6.80 23.01
CA ALA D 144 12.69 -6.31 22.44
C ALA D 144 12.62 -6.32 20.92
N VAL D 145 11.96 -7.32 20.39
CA VAL D 145 11.85 -7.48 18.94
C VAL D 145 10.94 -6.40 18.37
N GLU D 146 9.81 -6.21 19.08
CA GLU D 146 8.85 -5.16 18.71
C GLU D 146 9.50 -3.80 18.73
N ASN D 147 10.34 -3.57 19.70
CA ASN D 147 10.86 -2.22 19.86
C ASN D 147 11.87 -1.93 18.78
N TYR D 148 12.68 -2.93 18.50
CA TYR D 148 13.68 -2.73 17.45
C TYR D 148 12.97 -2.46 16.13
N LEU D 149 11.94 -3.21 15.90
CA LEU D 149 11.27 -3.09 14.63
C LEU D 149 10.58 -1.73 14.52
N ILE D 150 10.25 -1.11 15.64
CA ILE D 150 9.60 0.23 15.55
C ILE D 150 10.57 1.24 14.95
N GLY D 151 11.82 1.18 15.36
CA GLY D 151 12.73 2.26 14.97
C GLY D 151 13.70 1.87 13.86
N SER D 152 13.64 0.62 13.42
CA SER D 152 14.66 0.11 12.49
C SER D 152 14.73 0.89 11.17
N PRO D 153 15.89 1.44 10.93
CA PRO D 153 16.13 2.10 9.66
C PRO D 153 16.14 1.09 8.51
N VAL D 154 16.46 -0.16 8.77
CA VAL D 154 16.66 -1.09 7.65
C VAL D 154 15.49 -2.01 7.43
N VAL D 155 15.15 -2.71 8.49
CA VAL D 155 14.12 -3.75 8.46
C VAL D 155 12.73 -3.15 8.47
N ASP D 156 11.96 -3.55 7.45
CA ASP D 156 10.50 -3.33 7.38
C ASP D 156 9.72 -4.54 7.89
N SER D 157 9.09 -4.28 8.99
CA SER D 157 8.31 -5.29 9.70
C SER D 157 7.23 -5.93 8.85
N GLN D 158 6.68 -5.14 7.94
CA GLN D 158 5.53 -5.59 7.13
C GLN D 158 5.99 -6.59 6.09
N LYS D 159 7.26 -6.52 5.78
CA LYS D 159 7.84 -7.41 4.79
C LYS D 159 8.31 -8.74 5.38
N LEU D 160 8.23 -8.88 6.70
CA LEU D 160 8.55 -10.19 7.31
C LEU D 160 7.44 -11.24 7.10
N VAL D 161 7.90 -12.44 6.85
CA VAL D 161 7.02 -13.60 6.72
C VAL D 161 7.35 -14.60 7.85
N TYR D 162 6.31 -14.96 8.60
CA TYR D 162 6.50 -15.72 9.84
C TYR D 162 6.30 -17.19 9.58
N SER D 163 7.31 -17.96 9.96
CA SER D 163 7.41 -19.38 9.65
C SER D 163 6.37 -20.20 10.38
N ASP D 164 6.04 -21.30 9.76
CA ASP D 164 5.03 -22.21 10.26
C ASP D 164 5.68 -23.38 10.98
N PHE D 165 5.29 -23.43 12.23
CA PHE D 165 5.78 -24.43 13.18
C PHE D 165 4.70 -25.41 13.62
N SER D 166 3.66 -25.54 12.83
CA SER D 166 2.66 -26.63 13.00
C SER D 166 3.39 -27.95 12.95
N GLU D 167 2.89 -28.93 13.65
CA GLU D 167 3.53 -30.25 13.63
C GLU D 167 3.45 -30.84 12.22
N ALA D 168 2.49 -30.36 11.49
CA ALA D 168 2.29 -30.79 10.10
C ALA D 168 3.30 -30.09 9.21
N ALA D 169 3.65 -28.89 9.64
CA ALA D 169 4.68 -28.14 8.94
C ALA D 169 6.03 -28.75 9.28
N CYS D 170 6.14 -29.25 10.46
CA CYS D 170 7.45 -29.72 10.92
C CYS D 170 7.69 -31.20 10.67
N LYS D 171 6.62 -31.91 10.35
CA LYS D 171 6.70 -33.39 10.24
C LYS D 171 7.65 -33.86 9.15
N VAL D 172 8.64 -34.63 9.51
CA VAL D 172 9.48 -35.23 8.47
C VAL D 172 9.16 -36.71 8.29
N ASN D 173 8.74 -37.05 7.07
CA ASN D 173 8.41 -38.44 6.67
C ASN D 173 9.70 -39.19 6.34
NA BLV E . -17.82 23.48 -2.72
C1A BLV E . -18.82 23.80 -1.91
C2A BLV E . -20.07 23.19 -2.40
C3A BLV E . -19.72 22.48 -3.54
C4A BLV E . -18.34 22.69 -3.73
CMA BLV E . -20.63 21.72 -4.41
OA BLV E . -18.76 24.56 -0.95
CAA BLV E . -21.38 23.23 -1.72
CBA BLV E . -21.44 22.10 -0.69
CGA BLV E . -22.80 22.15 0.00
O1A BLV E . -23.29 23.28 0.26
O2A BLV E . -23.37 21.07 0.29
CHB BLV E . -17.63 22.08 -4.78
NB BLV E . -15.40 23.23 -4.91
C1B BLV E . -16.47 22.49 -5.43
C2B BLV E . -16.16 22.06 -6.74
C3B BLV E . -14.90 22.63 -7.06
C4B BLV E . -14.44 23.31 -5.91
CMB BLV E . -16.99 21.17 -7.58
CAB BLV E . -14.09 22.47 -8.28
CBB BLV E . -14.84 22.66 -9.60
CHC BLV E . -13.17 23.89 -5.89
NC BLV E . -12.88 24.96 -3.67
C1C BLV E . -12.54 24.74 -4.97
C2C BLV E . -11.40 25.49 -5.28
C3C BLV E . -10.95 26.14 -4.10
C4C BLV E . -11.92 25.80 -3.11
CMC BLV E . -10.80 25.57 -6.63
CAC BLV E . -9.71 26.95 -4.01
CBC BLV E . -9.27 27.50 -2.65
CHD BLV E . -11.89 26.09 -1.75
ND BLV E . -12.93 23.97 -0.92
C1D BLV E . -12.29 25.20 -0.74
C2D BLV E . -12.11 25.45 0.62
C3D BLV E . -12.75 24.38 1.30
C4D BLV E . -13.19 23.45 0.25
CMD BLV E . -11.48 26.65 1.20
OD BLV E . -13.78 22.39 0.44
CAD BLV E . -13.14 24.31 2.71
CBD BLV E . -12.03 23.77 3.60
CGD BLV E . -12.72 23.70 4.94
O1D BLV E . -12.79 24.75 5.63
O2D BLV E . -13.19 22.59 5.29
NA BLV F . 11.37 -9.58 -18.98
C1A BLV F . 12.59 -10.05 -19.27
C2A BLV F . 13.53 -8.89 -19.41
C3A BLV F . 12.76 -7.75 -19.19
C4A BLV F . 11.44 -8.17 -18.90
CMA BLV F . 13.27 -6.37 -19.25
OA BLV F . 12.87 -11.25 -19.40
CAA BLV F . 14.97 -8.91 -19.74
CBA BLV F . 15.82 -9.20 -18.51
CGA BLV F . 17.30 -9.15 -18.87
O1A BLV F . 17.65 -9.31 -20.07
O2A BLV F . 18.12 -8.97 -17.94
CHB BLV F . 10.40 -7.31 -18.54
NB BLV F . 8.25 -8.63 -18.77
C1B BLV F . 9.00 -7.44 -18.70
C2B BLV F . 8.12 -6.32 -18.68
C3B BLV F . 6.80 -6.82 -18.80
C4B BLV F . 6.90 -8.22 -18.85
CMB BLV F . 8.52 -4.92 -18.49
CAB BLV F . 5.51 -6.09 -18.76
CBB BLV F . 5.52 -4.74 -19.47
CHC BLV F . 5.74 -9.00 -18.95
NC BLV F . 6.58 -11.32 -18.78
C1C BLV F . 5.58 -10.39 -18.99
C2C BLV F . 4.38 -11.04 -19.30
C3C BLV F . 4.67 -12.43 -19.26
C4C BLV F . 6.00 -12.55 -18.83
CMC BLV F . 3.08 -10.38 -19.63
CAC BLV F . 3.82 -13.56 -19.65
CBC BLV F . 2.93 -14.05 -18.52
CHD BLV F . 6.65 -13.78 -18.63
ND BLV F . 8.23 -13.16 -16.84
C1D BLV F . 7.57 -14.09 -17.61
C2D BLV F . 8.04 -15.40 -17.30
C3D BLV F . 8.93 -15.24 -16.23
C4D BLV F . 9.05 -13.78 -16.02
CMD BLV F . 7.64 -16.67 -17.93
OD BLV F . 9.76 -13.23 -15.19
CAD BLV F . 9.54 -16.32 -15.42
CBD BLV F . 10.95 -16.64 -15.91
CGD BLV F . 11.54 -17.73 -15.00
O1D BLV F . 12.15 -17.36 -13.95
O2D BLV F . 11.39 -18.93 -15.34
NA BLV G . -11.48 9.41 19.07
C1A BLV G . -11.83 10.60 19.55
C2A BLV G . -10.64 11.34 20.04
C3A BLV G . -9.57 10.46 19.90
C4A BLV G . -10.09 9.28 19.29
CMA BLV G . -8.18 10.74 20.33
OA BLV G . -12.96 11.09 19.57
CAA BLV G . -10.65 12.69 20.62
CBA BLV G . -10.03 13.69 19.62
CGA BLV G . -10.10 15.05 20.31
O1A BLV G . -10.72 15.14 21.41
O2A BLV G . -9.55 16.04 19.76
CHB BLV G . -9.29 8.20 18.93
NB BLV G . -10.89 6.38 18.35
C1B BLV G . -9.63 6.86 18.67
C2B BLV G . -8.71 5.79 18.71
C3B BLV G . -9.45 4.61 18.43
C4B BLV G . -10.78 5.01 18.21
CMB BLV G . -7.24 5.90 19.01
CAB BLV G . -8.99 3.21 18.31
CBB BLV G . -8.01 2.78 19.41
CHC BLV G . -11.79 4.06 18.02
NC BLV G . -13.91 5.33 17.68
C1C BLV G . -13.16 4.17 17.83
C2C BLV G . -14.01 3.05 17.76
C3C BLV G . -15.31 3.54 17.52
C4C BLV G . -15.22 4.94 17.44
CMC BLV G . -13.62 1.64 17.97
CAC BLV G . -16.55 2.74 17.56
CBC BLV G . -17.21 2.53 16.22
CHD BLV G . -16.29 5.78 17.10
ND BLV G . -14.99 7.57 15.95
C1D BLV G . -16.19 6.95 16.32
C2D BLV G . -17.28 7.67 15.82
C3D BLV G . -16.74 8.73 15.05
C4D BLV G . -15.25 8.64 15.22
CMD BLV G . -18.71 7.41 16.07
OD BLV G . -14.39 9.41 14.82
CAD BLV G . -17.52 9.69 14.25
CBD BLV G . -17.73 11.00 15.01
CGD BLV G . -18.48 11.95 14.09
O1D BLV G . -17.82 12.76 13.39
O2D BLV G . -19.74 11.87 14.07
NA BLV H . 19.37 -22.19 3.14
C1A BLV H . 19.64 -22.97 2.10
C2A BLV H . 18.75 -24.14 2.12
C3A BLV H . 17.95 -23.97 3.26
C4A BLV H . 18.33 -22.74 3.84
CMA BLV H . 16.90 -24.89 3.75
OA BLV H . 20.56 -22.79 1.30
CAA BLV H . 18.80 -25.30 1.20
CBA BLV H . 17.98 -25.03 -0.06
CGA BLV H . 17.88 -26.31 -0.90
O1A BLV H . 18.78 -27.19 -0.78
O2A BLV H . 16.91 -26.42 -1.70
CHB BLV H . 17.65 -22.17 4.93
NB BLV H . 19.03 -20.21 5.68
C1B BLV H . 18.04 -21.20 5.85
C2B BLV H . 17.44 -21.04 7.13
C3B BLV H . 18.09 -19.95 7.75
C4B BLV H . 19.04 -19.45 6.85
CMB BLV H . 16.34 -21.90 7.65
CAB BLV H . 17.85 -19.34 9.08
CBB BLV H . 17.66 -20.37 10.20
CHC BLV H . 19.89 -18.38 7.19
NC BLV H . 21.20 -17.84 5.13
C1C BLV H . 20.92 -17.75 6.47
C2C BLV H . 21.80 -16.82 7.07
C3C BLV H . 22.67 -16.35 6.05
C4C BLV H . 22.28 -17.02 4.85
CMC BLV H . 21.85 -16.47 8.48
CAC BLV H . 23.84 -15.49 6.29
CBC BLV H . 24.12 -14.41 5.24
CHD BLV H . 22.88 -16.89 3.58
ND BLV H . 20.84 -17.21 2.20
C1D BLV H . 22.18 -16.87 2.35
C2D BLV H . 22.75 -16.60 1.09
C3D BLV H . 21.73 -16.87 0.16
C4D BLV H . 20.53 -17.20 0.93
CMD BLV H . 24.16 -16.20 0.83
OD BLV H . 19.45 -17.56 0.47
CAD BLV H . 21.84 -17.10 -1.30
CBD BLV H . 22.08 -15.83 -2.08
CGD BLV H . 22.13 -16.36 -3.50
O1D BLV H . 23.24 -16.36 -4.11
O2D BLV H . 21.03 -16.80 -3.96
#